data_7CMS
#
_entry.id   7CMS
#
_cell.length_a   91.675
_cell.length_b   91.675
_cell.length_c   152.370
_cell.angle_alpha   90.000
_cell.angle_beta   90.000
_cell.angle_gamma   120.000
#
_symmetry.space_group_name_H-M   'P 32 2 1'
#
loop_
_entity.id
_entity.type
_entity.pdbx_description
1 polymer 'Tryptophan--tRNA ligase'
2 non-polymer '(5~{S},6~{R})-5-methyl-7-thia-2-azatricyclo[6.3.1.0^{4,12}]dodeca-1(12),3,8,10-tetraene-6-carboxylic acid'
3 non-polymer 'PHOSPHATE ION'
4 water water
#
_entity_poly.entity_id   1
_entity_poly.type   'polypeptide(L)'
_entity_poly.pdbx_seq_one_letter_code
;MKTIFSGIQPSGVITIGNYIGALRQFVELQHEYNCYFCIVDQHAITVWQDPHELRQNIRRLAALYLAVGIDPTQATLFIQ
SEVPAHAQAAWMLQCIVYIGELERMTQFKEKSAGKEAVSAGLLTYPPLMAADILLYNTDIVPVGEDQKQHIELTRDLAER
FNKRYGELFTIPEARIPKVGARIMSLVDPTKKMSKSDPNPKAYITLLDDAKTIEKKIKSAVTDSEGTIRYDKEAKPGISN
LLNIYSTLSGQSIEELERQYEGKGYGVFKADLAQVVIETLRPIQERYHHWMESEELDRVLDEGAEKANRVASEMVRKMEQ
AMGLGRRR
;
_entity_poly.pdbx_strand_id   A,B
#
loop_
_chem_comp.id
_chem_comp.type
_chem_comp.name
_chem_comp.formula
9E0 non-polymer '(5~{S},6~{R})-5-methyl-7-thia-2-azatricyclo[6.3.1.0^{4,12}]dodeca-1(12),3,8,10-tetraene-6-carboxylic acid' 'C12 H11 N O2 S'
PO4 non-polymer 'PHOSPHATE ION' 'O4 P -3'
#
# COMPACT_ATOMS: atom_id res chain seq x y z
N MET A 1 -28.13 11.87 -5.56
CA MET A 1 -27.74 10.61 -6.20
C MET A 1 -26.69 9.85 -5.38
N LYS A 2 -26.90 8.54 -5.25
CA LYS A 2 -25.99 7.71 -4.49
C LYS A 2 -24.88 7.16 -5.38
N THR A 3 -23.75 6.85 -4.76
CA THR A 3 -22.60 6.30 -5.47
C THR A 3 -22.49 4.80 -5.22
N ILE A 4 -22.22 4.06 -6.28
CA ILE A 4 -21.98 2.63 -6.20
C ILE A 4 -20.56 2.34 -6.67
N PHE A 5 -19.88 1.43 -5.96
CA PHE A 5 -18.53 1.02 -6.30
C PHE A 5 -18.51 -0.51 -6.38
N SER A 6 -18.13 -1.02 -7.54
CA SER A 6 -17.97 -2.47 -7.72
C SER A 6 -16.53 -2.76 -8.10
N GLY A 7 -15.83 -3.53 -7.26
CA GLY A 7 -14.52 -4.03 -7.62
C GLY A 7 -14.71 -5.35 -8.35
N ILE A 8 -13.97 -5.52 -9.45
CA ILE A 8 -14.12 -6.68 -10.33
C ILE A 8 -12.79 -7.39 -10.43
N GLN A 9 -12.76 -8.65 -10.05
CA GLN A 9 -11.53 -9.43 -10.04
C GLN A 9 -11.19 -9.82 -11.47
N PRO A 10 -10.00 -9.50 -11.97
CA PRO A 10 -9.72 -9.77 -13.39
C PRO A 10 -9.72 -11.26 -13.73
N SER A 11 -8.97 -12.06 -12.98
CA SER A 11 -8.76 -13.48 -13.28
C SER A 11 -10.02 -14.22 -13.74
N GLY A 12 -11.17 -13.94 -13.12
CA GLY A 12 -12.40 -14.64 -13.48
C GLY A 12 -13.15 -13.98 -14.63
N VAL A 13 -13.64 -14.82 -15.56
CA VAL A 13 -14.49 -14.39 -16.67
C VAL A 13 -15.95 -14.60 -16.28
N ILE A 14 -16.81 -13.65 -16.66
CA ILE A 14 -18.16 -13.53 -16.13
C ILE A 14 -19.03 -14.75 -16.46
N THR A 15 -19.73 -15.26 -15.46
CA THR A 15 -20.72 -16.32 -15.67
C THR A 15 -22.10 -15.71 -15.90
N ILE A 16 -22.99 -16.50 -16.51
CA ILE A 16 -24.37 -16.03 -16.67
C ILE A 16 -25.02 -15.80 -15.32
N GLY A 17 -24.62 -16.57 -14.29
CA GLY A 17 -25.17 -16.34 -12.96
C GLY A 17 -24.80 -14.98 -12.41
N ASN A 18 -23.56 -14.54 -12.67
CA ASN A 18 -23.15 -13.19 -12.33
C ASN A 18 -23.91 -12.16 -13.15
N TYR A 19 -24.03 -12.41 -14.45
CA TYR A 19 -24.78 -11.49 -15.32
C TYR A 19 -26.21 -11.33 -14.82
N ILE A 20 -26.86 -12.45 -14.47
CA ILE A 20 -28.27 -12.39 -14.09
C ILE A 20 -28.42 -11.83 -12.68
N GLY A 21 -27.48 -12.15 -11.80
CA GLY A 21 -27.60 -11.77 -10.42
C GLY A 21 -27.34 -10.29 -10.17
N ALA A 22 -26.31 -9.74 -10.80
CA ALA A 22 -25.77 -8.50 -10.27
C ALA A 22 -25.22 -7.55 -11.32
N LEU A 23 -25.17 -7.95 -12.58
CA LEU A 23 -24.55 -7.11 -13.60
C LEU A 23 -25.54 -6.55 -14.59
N ARG A 24 -26.47 -7.38 -15.07
CA ARG A 24 -27.37 -6.93 -16.12
C ARG A 24 -28.14 -5.69 -15.70
N GLN A 25 -28.62 -5.66 -14.46
CA GLN A 25 -29.42 -4.52 -14.02
C GLN A 25 -28.63 -3.24 -14.03
N PHE A 26 -27.30 -3.30 -14.09
CA PHE A 26 -26.52 -2.07 -14.08
C PHE A 26 -26.57 -1.33 -15.40
N VAL A 27 -26.97 -2.00 -16.48
CA VAL A 27 -27.14 -1.30 -17.75
C VAL A 27 -28.15 -0.16 -17.58
N GLU A 28 -29.16 -0.37 -16.74
CA GLU A 28 -30.08 0.71 -16.44
C GLU A 28 -29.74 1.45 -15.16
N LEU A 29 -29.21 0.75 -14.16
CA LEU A 29 -28.90 1.42 -12.89
C LEU A 29 -27.86 2.52 -13.06
N GLN A 30 -26.99 2.40 -14.09
CA GLN A 30 -25.93 3.38 -14.28
C GLN A 30 -26.46 4.78 -14.58
N HIS A 31 -27.76 4.90 -14.90
CA HIS A 31 -28.38 6.20 -15.10
C HIS A 31 -29.04 6.75 -13.85
N GLU A 32 -29.36 5.90 -12.87
CA GLU A 32 -29.94 6.33 -11.62
C GLU A 32 -28.90 6.45 -10.50
N TYR A 33 -27.72 5.89 -10.70
CA TYR A 33 -26.65 5.94 -9.72
C TYR A 33 -25.36 6.37 -10.39
N ASN A 34 -24.45 6.85 -9.57
CA ASN A 34 -23.10 7.23 -10.01
C ASN A 34 -22.21 6.02 -9.73
N CYS A 35 -21.94 5.25 -10.79
CA CYS A 35 -21.39 3.90 -10.67
C CYS A 35 -19.90 3.88 -11.03
N TYR A 36 -19.11 3.24 -10.18
CA TYR A 36 -17.70 2.97 -10.45
C TYR A 36 -17.49 1.48 -10.63
N PHE A 37 -16.87 1.09 -11.74
CA PHE A 37 -16.52 -0.31 -11.99
C PHE A 37 -15.00 -0.39 -12.10
N CYS A 38 -14.37 -1.11 -11.17
CA CYS A 38 -12.93 -1.06 -10.98
C CYS A 38 -12.35 -2.47 -11.10
N ILE A 39 -11.48 -2.66 -12.08
CA ILE A 39 -10.83 -3.95 -12.28
C ILE A 39 -9.63 -4.01 -11.35
N VAL A 40 -9.72 -4.84 -10.31
CA VAL A 40 -8.77 -4.80 -9.19
C VAL A 40 -7.56 -5.66 -9.49
N ASP A 41 -6.71 -5.22 -10.43
CA ASP A 41 -5.51 -6.00 -10.70
C ASP A 41 -4.54 -5.98 -9.52
N GLN A 42 -4.55 -4.96 -8.68
CA GLN A 42 -3.67 -4.99 -7.51
C GLN A 42 -4.10 -6.04 -6.50
N HIS A 43 -5.41 -6.28 -6.37
CA HIS A 43 -5.85 -7.36 -5.51
C HIS A 43 -5.50 -8.72 -6.09
N ALA A 44 -5.42 -8.81 -7.42
CA ALA A 44 -5.18 -10.08 -8.08
C ALA A 44 -3.80 -10.65 -7.75
N ILE A 45 -2.80 -9.80 -7.50
CA ILE A 45 -1.46 -10.35 -7.28
C ILE A 45 -1.23 -10.69 -5.81
N THR A 46 -2.27 -10.61 -4.97
CA THR A 46 -2.11 -11.17 -3.62
C THR A 46 -1.96 -12.68 -3.65
N VAL A 47 -2.28 -13.32 -4.77
CA VAL A 47 -1.99 -14.71 -5.01
C VAL A 47 -1.15 -14.79 -6.28
N TRP A 48 -0.67 -15.99 -6.58
CA TRP A 48 0.28 -16.17 -7.68
C TRP A 48 -0.43 -15.95 -9.02
N GLN A 49 0.16 -15.11 -9.86
CA GLN A 49 -0.43 -14.75 -11.13
C GLN A 49 0.59 -14.89 -12.24
N ASP A 50 0.17 -15.49 -13.34
CA ASP A 50 0.95 -15.48 -14.55
C ASP A 50 0.82 -14.13 -15.23
N PRO A 51 1.92 -13.41 -15.49
CA PRO A 51 1.84 -12.03 -15.97
C PRO A 51 1.08 -11.84 -17.28
N HIS A 52 1.36 -12.67 -18.29
CA HIS A 52 0.67 -12.53 -19.57
C HIS A 52 -0.82 -12.81 -19.42
N GLU A 53 -1.19 -13.82 -18.63
CA GLU A 53 -2.60 -14.13 -18.44
C GLU A 53 -3.32 -13.04 -17.68
N LEU A 54 -2.67 -12.44 -16.68
CA LEU A 54 -3.29 -11.35 -15.95
C LEU A 54 -3.57 -10.17 -16.88
N ARG A 55 -2.58 -9.80 -17.68
CA ARG A 55 -2.75 -8.66 -18.60
C ARG A 55 -3.90 -8.88 -19.57
N GLN A 56 -4.00 -10.09 -20.12
CA GLN A 56 -5.08 -10.36 -21.06
C GLN A 56 -6.42 -10.40 -20.33
N ASN A 57 -6.47 -10.95 -19.12
CA ASN A 57 -7.74 -10.99 -18.41
C ASN A 57 -8.22 -9.60 -17.99
N ILE A 58 -7.30 -8.68 -17.71
CA ILE A 58 -7.70 -7.30 -17.45
C ILE A 58 -8.44 -6.73 -18.66
N ARG A 59 -7.84 -6.87 -19.86
CA ARG A 59 -8.45 -6.30 -21.06
C ARG A 59 -9.79 -6.95 -21.35
N ARG A 60 -9.81 -8.28 -21.34
CA ARG A 60 -11.03 -9.03 -21.61
C ARG A 60 -12.17 -8.56 -20.72
N LEU A 61 -11.88 -8.36 -19.43
CA LEU A 61 -12.92 -7.91 -18.50
C LEU A 61 -13.47 -6.55 -18.89
N ALA A 62 -12.60 -5.62 -19.29
CA ALA A 62 -13.06 -4.31 -19.72
C ALA A 62 -13.93 -4.41 -20.97
N ALA A 63 -13.48 -5.18 -21.95
CA ALA A 63 -14.27 -5.36 -23.16
C ALA A 63 -15.60 -6.03 -22.85
N LEU A 64 -15.62 -6.97 -21.91
CA LEU A 64 -16.89 -7.63 -21.58
C LEU A 64 -17.87 -6.65 -20.95
N TYR A 65 -17.39 -5.81 -20.03
CA TYR A 65 -18.28 -4.85 -19.36
C TYR A 65 -18.85 -3.85 -20.35
N LEU A 66 -18.04 -3.37 -21.29
CA LEU A 66 -18.55 -2.51 -22.34
C LEU A 66 -19.54 -3.27 -23.24
N ALA A 67 -19.22 -4.52 -23.58
CA ALA A 67 -20.08 -5.30 -24.46
C ALA A 67 -21.46 -5.55 -23.85
N VAL A 68 -21.59 -5.61 -22.53
CA VAL A 68 -22.92 -5.89 -21.98
C VAL A 68 -23.79 -4.66 -21.87
N GLY A 69 -23.24 -3.47 -22.08
CA GLY A 69 -24.03 -2.24 -21.96
C GLY A 69 -23.53 -1.23 -20.93
N ILE A 70 -22.43 -1.45 -20.22
CA ILE A 70 -21.90 -0.39 -19.36
C ILE A 70 -21.44 0.77 -20.22
N ASP A 71 -21.93 1.97 -19.90
CA ASP A 71 -21.71 3.14 -20.74
C ASP A 71 -20.61 3.99 -20.12
N PRO A 72 -19.43 4.08 -20.74
CA PRO A 72 -18.30 4.77 -20.08
C PRO A 72 -18.49 6.28 -19.95
N THR A 73 -19.53 6.87 -20.54
CA THR A 73 -19.84 8.27 -20.28
C THR A 73 -20.90 8.44 -19.21
N GLN A 74 -21.53 7.36 -18.76
CA GLN A 74 -22.42 7.38 -17.61
C GLN A 74 -21.77 6.84 -16.35
N ALA A 75 -20.97 5.79 -16.49
CA ALA A 75 -20.26 5.18 -15.38
C ALA A 75 -18.77 5.32 -15.63
N THR A 76 -17.99 5.07 -14.58
CA THR A 76 -16.53 5.17 -14.65
C THR A 76 -15.93 3.77 -14.56
N LEU A 77 -15.30 3.34 -15.65
CA LEU A 77 -14.69 2.02 -15.76
C LEU A 77 -13.19 2.20 -15.83
N PHE A 78 -12.45 1.51 -14.96
CA PHE A 78 -11.02 1.80 -14.89
C PHE A 78 -10.29 0.65 -14.23
N ILE A 79 -8.97 0.66 -14.39
CA ILE A 79 -8.08 -0.35 -13.83
C ILE A 79 -7.45 0.19 -12.55
N GLN A 80 -7.56 -0.59 -11.48
CA GLN A 80 -7.14 -0.15 -10.15
C GLN A 80 -5.70 0.37 -10.14
N SER A 81 -4.78 -0.35 -10.78
CA SER A 81 -3.36 0.01 -10.66
C SER A 81 -3.01 1.30 -11.39
N GLU A 82 -3.89 1.81 -12.26
CA GLU A 82 -3.67 3.06 -12.97
C GLU A 82 -4.09 4.28 -12.16
N VAL A 83 -4.64 4.08 -10.96
CA VAL A 83 -4.95 5.16 -10.04
C VAL A 83 -4.11 4.97 -8.78
N PRO A 84 -2.97 5.67 -8.68
CA PRO A 84 -2.07 5.46 -7.53
C PRO A 84 -2.73 5.70 -6.19
N ALA A 85 -3.80 6.50 -6.14
CA ALA A 85 -4.49 6.78 -4.89
C ALA A 85 -4.95 5.52 -4.17
N HIS A 86 -5.25 4.43 -4.89
CA HIS A 86 -5.69 3.22 -4.20
C HIS A 86 -4.57 2.68 -3.33
N ALA A 87 -3.35 2.59 -3.87
CA ALA A 87 -2.20 2.17 -3.08
C ALA A 87 -1.85 3.18 -1.98
N GLN A 88 -1.99 4.47 -2.25
CA GLN A 88 -1.67 5.46 -1.22
C GLN A 88 -2.64 5.38 -0.06
N ALA A 89 -3.94 5.31 -0.35
CA ALA A 89 -4.92 5.28 0.72
C ALA A 89 -4.89 3.94 1.46
N ALA A 90 -4.58 2.84 0.75
CA ALA A 90 -4.46 1.55 1.42
C ALA A 90 -3.36 1.57 2.47
N TRP A 91 -2.24 2.25 2.18
CA TRP A 91 -1.19 2.35 3.21
C TRP A 91 -1.69 3.13 4.43
N MET A 92 -2.36 4.28 4.20
CA MET A 92 -2.89 5.07 5.31
C MET A 92 -3.89 4.27 6.12
N LEU A 93 -4.71 3.45 5.45
CA LEU A 93 -5.67 2.62 6.17
C LEU A 93 -4.99 1.47 6.92
N GLN A 94 -3.91 0.92 6.35
CA GLN A 94 -3.11 -0.04 7.11
C GLN A 94 -2.64 0.54 8.43
N CYS A 95 -2.44 1.86 8.48
CA CYS A 95 -1.94 2.50 9.67
C CYS A 95 -3.01 2.72 10.74
N ILE A 96 -4.28 2.47 10.45
CA ILE A 96 -5.32 2.60 11.46
C ILE A 96 -6.07 1.29 11.73
N VAL A 97 -5.97 0.29 10.85
CA VAL A 97 -6.49 -1.03 11.16
C VAL A 97 -5.56 -1.71 12.14
N TYR A 98 -6.12 -2.51 13.04
CA TYR A 98 -5.34 -3.33 13.96
C TYR A 98 -4.92 -4.64 13.29
N ILE A 99 -3.70 -5.09 13.59
CA ILE A 99 -3.27 -6.40 13.10
C ILE A 99 -4.30 -7.48 13.43
N GLY A 100 -4.80 -7.46 14.67
CA GLY A 100 -5.78 -8.45 15.08
C GLY A 100 -7.03 -8.45 14.22
N GLU A 101 -7.45 -7.27 13.75
CA GLU A 101 -8.61 -7.24 12.87
C GLU A 101 -8.33 -7.95 11.55
N LEU A 102 -7.09 -7.92 11.06
CA LEU A 102 -6.80 -8.59 9.80
C LEU A 102 -6.67 -10.10 9.98
N GLU A 103 -6.03 -10.54 11.07
CA GLU A 103 -5.85 -11.97 11.32
C GLU A 103 -7.18 -12.69 11.53
N ARG A 104 -8.19 -11.98 12.02
CA ARG A 104 -9.51 -12.57 12.27
C ARG A 104 -10.28 -12.84 10.98
N MET A 105 -9.91 -12.18 9.88
CA MET A 105 -10.72 -12.28 8.66
C MET A 105 -10.86 -13.72 8.22
N THR A 106 -12.10 -14.13 7.93
CA THR A 106 -12.35 -15.49 7.50
C THR A 106 -11.71 -15.76 6.15
N GLN A 107 -11.82 -14.81 5.21
CA GLN A 107 -11.22 -15.03 3.90
C GLN A 107 -9.71 -15.20 4.01
N PHE A 108 -9.06 -14.53 4.97
CA PHE A 108 -7.64 -14.73 5.14
C PHE A 108 -7.32 -16.08 5.76
N LYS A 109 -8.20 -16.59 6.63
CA LYS A 109 -7.91 -17.87 7.25
C LYS A 109 -8.08 -19.01 6.25
N GLU A 110 -9.15 -18.95 5.45
CA GLU A 110 -9.14 -19.62 4.16
C GLU A 110 -8.10 -18.95 3.26
N LYS A 111 -7.99 -19.40 2.01
CA LYS A 111 -6.95 -18.89 1.12
C LYS A 111 -5.54 -19.11 1.68
N SER A 112 -5.39 -19.13 3.01
CA SER A 112 -4.19 -19.54 3.69
C SER A 112 -4.06 -21.05 3.81
N ALA A 113 -4.97 -21.80 3.16
CA ALA A 113 -5.18 -23.24 3.39
C ALA A 113 -3.94 -24.09 3.14
N GLY A 114 -3.88 -24.74 1.97
CA GLY A 114 -2.77 -25.60 1.64
C GLY A 114 -1.59 -24.83 1.08
N LYS A 115 -1.19 -23.77 1.80
CA LYS A 115 -0.13 -22.87 1.39
C LYS A 115 1.04 -22.83 2.38
N GLU A 116 0.74 -22.92 3.68
CA GLU A 116 1.72 -22.83 4.76
C GLU A 116 2.28 -21.41 4.88
N ALA A 117 3.10 -20.97 3.93
CA ALA A 117 3.63 -19.62 3.92
C ALA A 117 2.88 -18.78 2.89
N VAL A 118 2.30 -17.67 3.34
CA VAL A 118 1.44 -16.84 2.50
C VAL A 118 2.01 -15.42 2.44
N SER A 119 1.62 -14.69 1.41
CA SER A 119 2.13 -13.34 1.21
C SER A 119 1.46 -12.38 2.17
N ALA A 120 2.22 -11.36 2.60
CA ALA A 120 1.62 -10.32 3.43
C ALA A 120 0.45 -9.64 2.72
N GLY A 121 0.49 -9.61 1.38
CA GLY A 121 -0.62 -9.03 0.64
C GLY A 121 -1.94 -9.71 0.92
N LEU A 122 -1.91 -11.03 1.15
CA LEU A 122 -3.15 -11.71 1.49
C LEU A 122 -3.69 -11.26 2.85
N LEU A 123 -2.80 -10.81 3.74
CA LEU A 123 -3.30 -10.33 5.03
C LEU A 123 -3.86 -8.92 4.93
N THR A 124 -3.28 -8.08 4.05
CA THR A 124 -3.68 -6.68 3.88
C THR A 124 -4.59 -6.44 2.67
N TYR A 125 -5.08 -7.50 2.05
CA TYR A 125 -6.23 -7.41 1.13
C TYR A 125 -7.34 -6.46 1.63
N PRO A 126 -7.79 -6.52 2.88
CA PRO A 126 -8.98 -5.72 3.28
C PRO A 126 -8.73 -4.21 3.30
N PRO A 127 -7.61 -3.71 3.86
CA PRO A 127 -7.37 -2.26 3.76
C PRO A 127 -7.39 -1.74 2.35
N LEU A 128 -6.82 -2.47 1.40
CA LEU A 128 -6.86 -2.03 0.00
C LEU A 128 -8.29 -2.01 -0.53
N MET A 129 -9.08 -3.02 -0.17
CA MET A 129 -10.48 -3.02 -0.55
C MET A 129 -11.25 -1.87 0.12
N ALA A 130 -10.99 -1.61 1.41
CA ALA A 130 -11.62 -0.47 2.05
C ALA A 130 -11.26 0.82 1.32
N ALA A 131 -9.99 0.94 0.93
CA ALA A 131 -9.56 2.13 0.19
C ALA A 131 -10.33 2.26 -1.12
N ASP A 132 -10.41 1.17 -1.90
CA ASP A 132 -11.18 1.16 -3.14
C ASP A 132 -12.57 1.76 -2.93
N ILE A 133 -13.24 1.38 -1.84
CA ILE A 133 -14.61 1.82 -1.60
C ILE A 133 -14.66 3.25 -1.09
N LEU A 134 -13.83 3.56 -0.10
CA LEU A 134 -13.96 4.81 0.63
C LEU A 134 -13.45 6.02 -0.15
N LEU A 135 -12.54 5.81 -1.11
CA LEU A 135 -11.99 6.93 -1.86
C LEU A 135 -13.06 7.68 -2.65
N TYR A 136 -14.16 7.03 -3.00
CA TYR A 136 -15.17 7.63 -3.88
C TYR A 136 -16.45 8.03 -3.15
N ASN A 137 -16.41 8.13 -1.80
CA ASN A 137 -17.58 8.37 -0.98
C ASN A 137 -18.74 7.46 -1.39
N THR A 138 -18.44 6.17 -1.47
CA THR A 138 -19.40 5.18 -1.91
C THR A 138 -20.54 5.05 -0.91
N ASP A 139 -21.76 4.98 -1.44
CA ASP A 139 -22.92 4.66 -0.60
C ASP A 139 -23.22 3.17 -0.59
N ILE A 140 -23.04 2.49 -1.71
CA ILE A 140 -23.56 1.14 -1.90
C ILE A 140 -22.47 0.30 -2.55
N VAL A 141 -22.19 -0.86 -1.97
CA VAL A 141 -21.30 -1.84 -2.57
C VAL A 141 -22.14 -3.06 -2.93
N PRO A 142 -22.17 -3.49 -4.19
CA PRO A 142 -23.04 -4.59 -4.64
C PRO A 142 -22.40 -5.96 -4.46
N VAL A 143 -22.29 -6.38 -3.20
CA VAL A 143 -21.69 -7.65 -2.87
C VAL A 143 -22.68 -8.46 -2.04
N GLY A 144 -22.41 -9.76 -1.95
CA GLY A 144 -23.24 -10.67 -1.18
C GLY A 144 -22.62 -10.99 0.18
N GLU A 145 -23.20 -12.00 0.83
CA GLU A 145 -22.85 -12.33 2.20
C GLU A 145 -21.42 -12.79 2.36
N ASP A 146 -20.79 -13.29 1.29
CA ASP A 146 -19.40 -13.70 1.42
C ASP A 146 -18.47 -12.52 1.68
N GLN A 147 -18.85 -11.30 1.31
CA GLN A 147 -18.02 -10.13 1.57
C GLN A 147 -18.46 -9.34 2.80
N LYS A 148 -19.42 -9.88 3.57
CA LYS A 148 -19.96 -9.17 4.73
C LYS A 148 -18.85 -8.72 5.68
N GLN A 149 -17.97 -9.63 6.06
CA GLN A 149 -16.89 -9.29 6.98
C GLN A 149 -15.99 -8.19 6.43
N HIS A 150 -15.76 -8.17 5.12
CA HIS A 150 -14.92 -7.13 4.55
C HIS A 150 -15.62 -5.78 4.58
N ILE A 151 -16.94 -5.76 4.34
CA ILE A 151 -17.69 -4.51 4.39
C ILE A 151 -17.77 -4.00 5.83
N GLU A 152 -17.99 -4.90 6.79
CA GLU A 152 -17.95 -4.51 8.20
C GLU A 152 -16.64 -3.80 8.53
N LEU A 153 -15.51 -4.40 8.12
CA LEU A 153 -14.22 -3.77 8.42
C LEU A 153 -14.10 -2.42 7.73
N THR A 154 -14.57 -2.33 6.48
CA THR A 154 -14.57 -1.06 5.77
C THR A 154 -15.35 -0.01 6.55
N ARG A 155 -16.55 -0.38 7.01
CA ARG A 155 -17.36 0.54 7.81
C ARG A 155 -16.67 0.88 9.13
N ASP A 156 -16.03 -0.10 9.77
CA ASP A 156 -15.27 0.19 10.99
C ASP A 156 -14.13 1.16 10.72
N LEU A 157 -13.40 0.97 9.63
CA LEU A 157 -12.25 1.83 9.33
C LEU A 157 -12.72 3.23 8.97
N ALA A 158 -13.82 3.35 8.22
CA ALA A 158 -14.35 4.66 7.91
C ALA A 158 -14.73 5.40 9.19
N GLU A 159 -15.40 4.69 10.10
CA GLU A 159 -15.84 5.31 11.34
C GLU A 159 -14.66 5.67 12.24
N ARG A 160 -13.64 4.81 12.29
CA ARG A 160 -12.46 5.10 13.11
C ARG A 160 -11.76 6.36 12.62
N PHE A 161 -11.55 6.45 11.31
CA PHE A 161 -10.93 7.65 10.74
C PHE A 161 -11.78 8.90 10.97
N ASN A 162 -13.09 8.79 10.76
CA ASN A 162 -13.95 9.95 10.94
C ASN A 162 -13.92 10.44 12.39
N LYS A 163 -13.92 9.51 13.35
CA LYS A 163 -13.90 9.91 14.75
C LYS A 163 -12.53 10.39 15.21
N ARG A 164 -11.44 9.94 14.58
CA ARG A 164 -10.11 10.38 14.99
C ARG A 164 -9.71 11.70 14.35
N TYR A 165 -10.13 11.94 13.10
CA TYR A 165 -9.71 13.11 12.36
C TYR A 165 -10.85 14.03 11.96
N GLY A 166 -12.09 13.59 12.04
CA GLY A 166 -13.16 14.42 11.56
C GLY A 166 -13.81 13.78 10.34
N GLU A 167 -15.11 14.05 10.17
CA GLU A 167 -15.92 13.35 9.17
C GLU A 167 -15.35 13.57 7.76
N LEU A 168 -15.03 12.48 7.09
CA LEU A 168 -14.46 12.54 5.75
C LEU A 168 -15.08 11.45 4.86
N PHE A 169 -15.29 10.28 5.43
CA PHE A 169 -15.76 9.14 4.65
C PHE A 169 -17.26 8.95 4.81
N THR A 170 -17.89 8.57 3.71
CA THR A 170 -19.22 7.99 3.77
C THR A 170 -19.12 6.58 4.32
N ILE A 171 -20.11 6.18 5.12
CA ILE A 171 -20.18 4.83 5.67
C ILE A 171 -20.92 3.98 4.64
N PRO A 172 -20.25 3.03 3.98
CA PRO A 172 -20.90 2.31 2.89
C PRO A 172 -21.76 1.18 3.42
N GLU A 173 -22.72 0.76 2.58
CA GLU A 173 -23.58 -0.38 2.87
C GLU A 173 -23.42 -1.42 1.79
N ALA A 174 -23.53 -2.69 2.19
CA ALA A 174 -23.58 -3.78 1.22
C ALA A 174 -25.01 -3.98 0.73
N ARG A 175 -25.21 -3.84 -0.59
CA ARG A 175 -26.54 -4.02 -1.16
C ARG A 175 -26.44 -4.12 -2.67
N ILE A 176 -27.14 -5.09 -3.25
CA ILE A 176 -27.23 -5.20 -4.70
C ILE A 176 -28.58 -4.63 -5.11
N PRO A 177 -28.65 -3.42 -5.66
CA PRO A 177 -29.95 -2.87 -6.07
C PRO A 177 -30.58 -3.75 -7.15
N LYS A 178 -31.88 -4.00 -6.99
CA LYS A 178 -32.65 -4.74 -7.99
C LYS A 178 -32.00 -6.10 -8.27
N VAL A 179 -31.62 -6.80 -7.20
CA VAL A 179 -30.88 -8.04 -7.35
C VAL A 179 -31.70 -9.03 -8.19
N GLY A 180 -31.00 -9.79 -9.03
CA GLY A 180 -31.64 -10.81 -9.84
C GLY A 180 -31.68 -12.15 -9.13
N ALA A 181 -32.20 -13.15 -9.85
CA ALA A 181 -32.26 -14.49 -9.33
C ALA A 181 -30.86 -14.96 -8.95
N ARG A 182 -30.80 -15.82 -7.94
CA ARG A 182 -29.55 -16.43 -7.52
C ARG A 182 -29.37 -17.72 -8.30
N ILE A 183 -28.46 -17.72 -9.26
CA ILE A 183 -28.31 -18.82 -10.20
C ILE A 183 -27.33 -19.84 -9.66
N MET A 184 -27.74 -21.10 -9.65
CA MET A 184 -26.99 -22.19 -9.05
C MET A 184 -26.16 -22.93 -10.12
N SER A 185 -25.25 -23.77 -9.64
CA SER A 185 -24.43 -24.55 -10.54
C SER A 185 -25.31 -25.49 -11.37
N LEU A 186 -24.98 -25.61 -12.66
CA LEU A 186 -25.68 -26.55 -13.53
C LEU A 186 -25.41 -28.00 -13.15
N VAL A 187 -24.35 -28.26 -12.39
CA VAL A 187 -23.89 -29.59 -12.06
C VAL A 187 -24.34 -29.94 -10.64
N ASP A 188 -24.44 -28.92 -9.78
CA ASP A 188 -24.88 -29.09 -8.40
C ASP A 188 -25.87 -27.97 -8.09
N PRO A 189 -27.17 -28.23 -8.24
CA PRO A 189 -28.17 -27.15 -8.09
C PRO A 189 -28.37 -26.66 -6.67
N THR A 190 -27.64 -27.20 -5.67
CA THR A 190 -27.65 -26.66 -4.32
C THR A 190 -26.48 -25.73 -4.07
N LYS A 191 -25.54 -25.65 -5.01
CA LYS A 191 -24.38 -24.79 -4.91
C LYS A 191 -24.52 -23.63 -5.88
N LYS A 192 -24.13 -22.43 -5.44
CA LYS A 192 -24.20 -21.26 -6.32
C LYS A 192 -23.25 -21.42 -7.50
N MET A 193 -23.69 -20.94 -8.67
CA MET A 193 -22.83 -20.96 -9.84
C MET A 193 -21.70 -19.96 -9.65
N SER A 194 -20.46 -20.41 -9.81
CA SER A 194 -19.33 -19.51 -9.64
C SER A 194 -18.22 -19.82 -10.63
N LYS A 195 -17.52 -18.76 -11.07
CA LYS A 195 -16.46 -18.92 -12.06
C LYS A 195 -15.31 -19.79 -11.57
N SER A 196 -15.20 -20.05 -10.27
CA SER A 196 -14.10 -20.84 -9.71
C SER A 196 -14.44 -22.30 -9.51
N ASP A 197 -15.60 -22.75 -9.94
CA ASP A 197 -15.93 -24.16 -9.80
C ASP A 197 -14.87 -25.02 -10.51
N PRO A 198 -14.39 -26.09 -9.89
CA PRO A 198 -13.46 -26.99 -10.58
C PRO A 198 -14.10 -27.75 -11.72
N ASN A 199 -15.43 -27.82 -11.77
CA ASN A 199 -16.14 -28.48 -12.86
C ASN A 199 -16.59 -27.41 -13.85
N PRO A 200 -16.04 -27.38 -15.07
CA PRO A 200 -16.44 -26.33 -16.02
C PRO A 200 -17.86 -26.50 -16.52
N LYS A 201 -18.45 -27.67 -16.35
CA LYS A 201 -19.86 -27.86 -16.66
C LYS A 201 -20.76 -27.12 -15.69
N ALA A 202 -20.22 -26.62 -14.57
CA ALA A 202 -21.05 -25.98 -13.56
C ALA A 202 -21.53 -24.62 -13.99
N TYR A 203 -20.78 -23.95 -14.86
CA TYR A 203 -21.09 -22.59 -15.23
C TYR A 203 -21.12 -22.47 -16.74
N ILE A 204 -21.78 -21.40 -17.20
CA ILE A 204 -21.63 -20.92 -18.57
C ILE A 204 -21.07 -19.51 -18.48
N THR A 205 -19.99 -19.26 -19.20
CA THR A 205 -19.44 -17.91 -19.24
C THR A 205 -20.04 -17.13 -20.39
N LEU A 206 -19.95 -15.80 -20.30
CA LEU A 206 -20.44 -14.94 -21.36
C LEU A 206 -19.68 -15.16 -22.67
N LEU A 207 -18.52 -15.81 -22.64
CA LEU A 207 -17.71 -16.00 -23.84
C LEU A 207 -17.76 -17.43 -24.40
N ASP A 208 -18.60 -18.30 -23.83
CA ASP A 208 -18.74 -19.66 -24.35
C ASP A 208 -19.39 -19.65 -25.73
N ASP A 209 -18.83 -20.42 -26.66
CA ASP A 209 -19.44 -20.48 -27.97
C ASP A 209 -20.66 -21.41 -27.93
N ALA A 210 -21.39 -21.43 -29.04
CA ALA A 210 -22.70 -22.09 -29.07
C ALA A 210 -22.58 -23.58 -28.75
N LYS A 211 -21.62 -24.27 -29.37
CA LYS A 211 -21.42 -25.70 -29.12
C LYS A 211 -21.22 -25.97 -27.62
N THR A 212 -20.46 -25.12 -26.95
CA THR A 212 -20.22 -25.31 -25.52
C THR A 212 -21.48 -25.05 -24.71
N ILE A 213 -22.21 -23.99 -25.07
CA ILE A 213 -23.48 -23.70 -24.39
C ILE A 213 -24.44 -24.87 -24.55
N GLU A 214 -24.50 -25.44 -25.75
CA GLU A 214 -25.40 -26.56 -26.01
C GLU A 214 -25.02 -27.77 -25.17
N LYS A 215 -23.72 -28.10 -25.11
CA LYS A 215 -23.28 -29.27 -24.37
C LYS A 215 -23.49 -29.10 -22.87
N LYS A 216 -23.33 -27.88 -22.36
CA LYS A 216 -23.43 -27.64 -20.92
C LYS A 216 -24.88 -27.65 -20.45
N ILE A 217 -25.77 -27.08 -21.26
CA ILE A 217 -27.19 -27.20 -20.95
C ILE A 217 -27.63 -28.64 -21.12
N LYS A 218 -27.08 -29.33 -22.12
CA LYS A 218 -27.42 -30.73 -22.33
C LYS A 218 -27.12 -31.56 -21.09
N SER A 219 -25.95 -31.35 -20.51
CA SER A 219 -25.59 -32.13 -19.34
C SER A 219 -26.16 -31.57 -18.04
N ALA A 220 -26.86 -30.45 -18.09
CA ALA A 220 -27.33 -29.83 -16.85
C ALA A 220 -28.26 -30.77 -16.10
N VAL A 221 -28.14 -30.76 -14.77
CA VAL A 221 -28.81 -31.70 -13.91
C VAL A 221 -30.30 -31.37 -13.81
N THR A 222 -31.14 -32.39 -13.92
CA THR A 222 -32.56 -32.16 -13.69
C THR A 222 -33.10 -33.15 -12.68
N ASP A 223 -34.09 -33.95 -13.08
CA ASP A 223 -34.63 -34.97 -12.21
C ASP A 223 -35.31 -36.01 -13.10
N SER A 224 -35.95 -36.98 -12.45
CA SER A 224 -36.55 -38.11 -13.14
C SER A 224 -38.04 -37.95 -13.35
N GLU A 225 -38.59 -36.79 -12.99
CA GLU A 225 -40.03 -36.59 -13.00
C GLU A 225 -40.59 -36.21 -14.37
N GLY A 226 -39.82 -35.51 -15.19
CA GLY A 226 -40.32 -35.09 -16.49
C GLY A 226 -41.41 -34.04 -16.45
N THR A 227 -41.40 -33.17 -15.45
CA THR A 227 -42.42 -32.15 -15.30
C THR A 227 -41.77 -30.81 -15.03
N ILE A 228 -42.06 -29.83 -15.89
CA ILE A 228 -41.49 -28.49 -15.79
C ILE A 228 -42.30 -27.73 -14.76
N ARG A 229 -41.79 -27.64 -13.53
CA ARG A 229 -42.50 -26.95 -12.47
C ARG A 229 -41.50 -26.45 -11.46
N TYR A 230 -41.75 -25.27 -10.91
CA TYR A 230 -40.82 -24.66 -9.97
C TYR A 230 -41.05 -25.24 -8.59
N ASP A 231 -39.98 -25.80 -8.00
CA ASP A 231 -40.05 -26.41 -6.67
C ASP A 231 -38.60 -26.54 -6.21
N LYS A 232 -38.11 -25.51 -5.52
CA LYS A 232 -36.69 -25.42 -5.25
C LYS A 232 -36.20 -26.54 -4.33
N GLU A 233 -37.04 -27.02 -3.40
CA GLU A 233 -36.56 -28.03 -2.47
C GLU A 233 -36.63 -29.43 -3.07
N ALA A 234 -37.67 -29.73 -3.86
CA ALA A 234 -37.79 -31.04 -4.47
C ALA A 234 -37.25 -31.11 -5.89
N LYS A 235 -37.18 -29.99 -6.59
CA LYS A 235 -36.69 -29.96 -7.97
C LYS A 235 -35.69 -28.82 -8.15
N PRO A 236 -34.59 -28.85 -7.40
CA PRO A 236 -33.64 -27.72 -7.49
C PRO A 236 -33.06 -27.52 -8.88
N GLY A 237 -32.83 -28.60 -9.64
CA GLY A 237 -32.22 -28.42 -10.96
C GLY A 237 -33.16 -27.73 -11.94
N ILE A 238 -34.37 -28.28 -12.09
CA ILE A 238 -35.37 -27.68 -12.95
C ILE A 238 -35.69 -26.26 -12.51
N SER A 239 -35.84 -26.05 -11.19
CA SER A 239 -36.12 -24.71 -10.70
C SER A 239 -35.04 -23.72 -11.12
N ASN A 240 -33.78 -24.15 -11.06
CA ASN A 240 -32.68 -23.28 -11.46
C ASN A 240 -32.76 -22.96 -12.94
N LEU A 241 -33.02 -23.97 -13.77
CA LEU A 241 -33.11 -23.68 -15.20
C LEU A 241 -34.29 -22.76 -15.49
N LEU A 242 -35.38 -22.90 -14.74
CA LEU A 242 -36.51 -21.99 -14.94
C LEU A 242 -36.12 -20.55 -14.60
N ASN A 243 -35.23 -20.37 -13.62
CA ASN A 243 -34.79 -19.02 -13.27
C ASN A 243 -33.92 -18.42 -14.38
N ILE A 244 -33.01 -19.21 -14.96
CA ILE A 244 -32.23 -18.70 -16.09
C ILE A 244 -33.14 -18.36 -17.26
N TYR A 245 -34.05 -19.28 -17.61
CA TYR A 245 -34.93 -19.10 -18.76
C TYR A 245 -35.82 -17.87 -18.56
N SER A 246 -36.47 -17.77 -17.41
CA SER A 246 -37.38 -16.68 -17.13
C SER A 246 -36.70 -15.32 -17.29
N THR A 247 -35.52 -15.16 -16.69
CA THR A 247 -34.89 -13.84 -16.69
C THR A 247 -34.28 -13.50 -18.04
N LEU A 248 -33.76 -14.49 -18.74
CA LEU A 248 -33.15 -14.20 -20.03
C LEU A 248 -34.18 -14.03 -21.13
N SER A 249 -35.37 -14.64 -21.00
CA SER A 249 -36.38 -14.56 -22.04
C SER A 249 -37.45 -13.53 -21.75
N GLY A 250 -37.55 -13.06 -20.51
CA GLY A 250 -38.57 -12.11 -20.13
C GLY A 250 -39.92 -12.72 -19.80
N GLN A 251 -40.07 -14.05 -19.87
CA GLN A 251 -41.34 -14.68 -19.52
C GLN A 251 -41.32 -15.10 -18.07
N SER A 252 -42.48 -14.98 -17.41
CA SER A 252 -42.56 -15.36 -16.01
C SER A 252 -42.46 -16.87 -15.86
N ILE A 253 -42.13 -17.31 -14.64
CA ILE A 253 -42.01 -18.73 -14.40
C ILE A 253 -43.36 -19.41 -14.61
N GLU A 254 -44.44 -18.78 -14.11
CA GLU A 254 -45.79 -19.29 -14.31
C GLU A 254 -46.13 -19.47 -15.78
N GLU A 255 -45.68 -18.54 -16.62
CA GLU A 255 -45.96 -18.65 -18.05
C GLU A 255 -45.14 -19.76 -18.69
N LEU A 256 -43.90 -19.96 -18.23
CA LEU A 256 -43.09 -21.06 -18.75
C LEU A 256 -43.65 -22.41 -18.32
N GLU A 257 -44.13 -22.50 -17.08
CA GLU A 257 -44.80 -23.73 -16.63
C GLU A 257 -45.99 -24.06 -17.54
N ARG A 258 -46.91 -23.10 -17.69
CA ARG A 258 -48.03 -23.31 -18.60
C ARG A 258 -47.54 -23.66 -20.00
N GLN A 259 -46.55 -22.93 -20.50
CA GLN A 259 -46.00 -23.21 -21.82
C GLN A 259 -45.55 -24.66 -21.97
N TYR A 260 -44.94 -25.23 -20.93
CA TYR A 260 -44.34 -26.56 -21.08
C TYR A 260 -45.18 -27.67 -20.48
N GLU A 261 -46.44 -27.40 -20.12
CA GLU A 261 -47.34 -28.45 -19.66
C GLU A 261 -47.37 -29.58 -20.68
N GLY A 262 -47.11 -30.79 -20.21
CA GLY A 262 -47.09 -31.94 -21.07
C GLY A 262 -45.78 -32.21 -21.75
N LYS A 263 -44.80 -31.32 -21.64
CA LYS A 263 -43.52 -31.50 -22.31
C LYS A 263 -42.48 -32.03 -21.33
N GLY A 264 -41.49 -32.73 -21.89
CA GLY A 264 -40.38 -33.22 -21.12
C GLY A 264 -39.20 -32.26 -21.15
N TYR A 265 -38.10 -32.74 -20.57
CA TYR A 265 -36.94 -31.90 -20.35
C TYR A 265 -36.09 -31.75 -21.60
N GLY A 266 -36.16 -32.71 -22.52
CA GLY A 266 -35.34 -32.62 -23.72
C GLY A 266 -35.63 -31.35 -24.49
N VAL A 267 -36.90 -31.07 -24.72
CA VAL A 267 -37.29 -29.91 -25.53
C VAL A 267 -37.15 -28.62 -24.74
N PHE A 268 -37.38 -28.65 -23.43
CA PHE A 268 -37.18 -27.47 -22.58
C PHE A 268 -35.71 -27.05 -22.57
N LYS A 269 -34.79 -28.02 -22.51
CA LYS A 269 -33.38 -27.69 -22.52
C LYS A 269 -32.92 -27.15 -23.87
N ALA A 270 -33.33 -27.80 -24.95
CA ALA A 270 -32.96 -27.27 -26.26
C ALA A 270 -33.48 -25.85 -26.47
N ASP A 271 -34.66 -25.53 -25.92
CA ASP A 271 -35.18 -24.17 -25.96
C ASP A 271 -34.35 -23.24 -25.07
N LEU A 272 -33.92 -23.72 -23.90
CA LEU A 272 -33.10 -22.90 -23.02
C LEU A 272 -31.74 -22.61 -23.65
N ALA A 273 -31.13 -23.63 -24.25
CA ALA A 273 -29.86 -23.42 -24.94
C ALA A 273 -29.98 -22.31 -25.97
N GLN A 274 -31.05 -22.32 -26.75
CA GLN A 274 -31.26 -21.28 -27.75
C GLN A 274 -31.44 -19.92 -27.09
N VAL A 275 -32.18 -19.87 -25.98
CA VAL A 275 -32.35 -18.60 -25.29
C VAL A 275 -31.01 -18.05 -24.83
N VAL A 276 -30.14 -18.91 -24.27
CA VAL A 276 -28.83 -18.43 -23.82
C VAL A 276 -27.99 -17.96 -25.00
N ILE A 277 -27.88 -18.79 -26.03
CA ILE A 277 -27.08 -18.43 -27.21
C ILE A 277 -27.55 -17.10 -27.78
N GLU A 278 -28.86 -16.91 -27.89
CA GLU A 278 -29.39 -15.66 -28.42
C GLU A 278 -29.06 -14.48 -27.52
N THR A 279 -28.93 -14.72 -26.20
CA THR A 279 -28.58 -13.64 -25.28
C THR A 279 -27.11 -13.26 -25.42
N LEU A 280 -26.21 -14.25 -25.54
CA LEU A 280 -24.78 -14.01 -25.53
C LEU A 280 -24.23 -13.59 -26.90
N ARG A 281 -24.88 -14.01 -27.99
CA ARG A 281 -24.34 -13.71 -29.32
C ARG A 281 -24.13 -12.21 -29.53
N PRO A 282 -25.10 -11.34 -29.24
CA PRO A 282 -24.83 -9.90 -29.39
C PRO A 282 -23.71 -9.40 -28.49
N ILE A 283 -23.65 -9.89 -27.25
CA ILE A 283 -22.60 -9.47 -26.33
C ILE A 283 -21.24 -9.87 -26.87
N GLN A 284 -21.15 -11.09 -27.42
CA GLN A 284 -19.89 -11.59 -27.94
C GLN A 284 -19.46 -10.82 -29.18
N GLU A 285 -20.42 -10.34 -29.97
CA GLU A 285 -20.07 -9.55 -31.15
C GLU A 285 -19.49 -8.20 -30.76
N ARG A 286 -20.20 -7.44 -29.92
CA ARG A 286 -19.65 -6.19 -29.44
C ARG A 286 -18.34 -6.40 -28.69
N TYR A 287 -18.24 -7.51 -27.94
CA TYR A 287 -16.99 -7.80 -27.25
C TYR A 287 -15.83 -7.88 -28.22
N HIS A 288 -16.00 -8.65 -29.30
CA HIS A 288 -14.93 -8.76 -30.27
C HIS A 288 -14.61 -7.42 -30.91
N HIS A 289 -15.62 -6.57 -31.10
CA HIS A 289 -15.35 -5.23 -31.60
C HIS A 289 -14.46 -4.45 -30.63
N TRP A 290 -14.76 -4.51 -29.33
CA TRP A 290 -13.98 -3.76 -28.36
C TRP A 290 -12.54 -4.27 -28.29
N MET A 291 -12.36 -5.60 -28.32
CA MET A 291 -11.05 -6.19 -28.17
C MET A 291 -10.12 -5.88 -29.34
N GLU A 292 -10.64 -5.50 -30.49
CA GLU A 292 -9.81 -5.19 -31.65
C GLU A 292 -9.83 -3.70 -31.99
N SER A 293 -10.34 -2.85 -31.10
CA SER A 293 -10.49 -1.43 -31.37
C SER A 293 -9.56 -0.61 -30.49
N GLU A 294 -9.07 0.51 -31.03
CA GLU A 294 -8.27 1.41 -30.21
C GLU A 294 -9.11 2.15 -29.18
N GLU A 295 -10.42 2.25 -29.41
CA GLU A 295 -11.30 2.92 -28.47
C GLU A 295 -11.31 2.26 -27.09
N LEU A 296 -10.97 0.98 -26.98
CA LEU A 296 -10.90 0.34 -25.65
C LEU A 296 -9.82 0.97 -24.78
N ASP A 297 -8.65 1.24 -25.35
CA ASP A 297 -7.59 1.87 -24.56
C ASP A 297 -7.93 3.32 -24.25
N ARG A 298 -8.54 4.02 -25.20
CA ARG A 298 -8.95 5.39 -24.91
C ARG A 298 -10.02 5.43 -23.82
N VAL A 299 -10.97 4.50 -23.87
CA VAL A 299 -12.01 4.45 -22.84
C VAL A 299 -11.37 4.21 -21.47
N LEU A 300 -10.44 3.26 -21.38
CA LEU A 300 -9.81 2.96 -20.10
C LEU A 300 -8.87 4.09 -19.66
N ASP A 301 -8.27 4.81 -20.60
CA ASP A 301 -7.48 5.98 -20.25
C ASP A 301 -8.34 7.02 -19.53
N GLU A 302 -9.53 7.30 -20.06
CA GLU A 302 -10.35 8.36 -19.48
C GLU A 302 -11.03 7.88 -18.21
N GLY A 303 -11.42 6.61 -18.16
CA GLY A 303 -11.89 6.05 -16.90
C GLY A 303 -10.92 6.31 -15.76
N ALA A 304 -9.62 6.07 -16.02
CA ALA A 304 -8.62 6.23 -14.96
C ALA A 304 -8.39 7.71 -14.65
N GLU A 305 -8.45 8.58 -15.66
CA GLU A 305 -8.40 10.02 -15.40
C GLU A 305 -9.59 10.50 -14.57
N LYS A 306 -10.80 10.02 -14.88
CA LYS A 306 -11.96 10.49 -14.12
C LYS A 306 -11.95 9.92 -12.71
N ALA A 307 -11.54 8.66 -12.54
CA ALA A 307 -11.41 8.11 -11.20
C ALA A 307 -10.30 8.81 -10.41
N ASN A 308 -9.16 9.05 -11.04
CA ASN A 308 -8.05 9.70 -10.33
C ASN A 308 -8.43 11.09 -9.84
N ARG A 309 -9.25 11.81 -10.60
CA ARG A 309 -9.69 13.13 -10.16
C ARG A 309 -10.37 13.04 -8.81
N VAL A 310 -11.27 12.05 -8.63
CA VAL A 310 -12.00 11.95 -7.37
C VAL A 310 -11.10 11.38 -6.28
N ALA A 311 -10.38 10.30 -6.60
CA ALA A 311 -9.59 9.58 -5.59
C ALA A 311 -8.38 10.38 -5.15
N SER A 312 -7.73 11.10 -6.06
CA SER A 312 -6.56 11.89 -5.64
C SER A 312 -6.98 13.07 -4.77
N GLU A 313 -8.19 13.59 -4.95
CA GLU A 313 -8.69 14.62 -4.03
C GLU A 313 -8.93 14.04 -2.64
N MET A 314 -9.53 12.85 -2.57
CA MET A 314 -9.70 12.20 -1.27
C MET A 314 -8.35 11.91 -0.62
N VAL A 315 -7.35 11.52 -1.41
CA VAL A 315 -6.01 11.31 -0.83
C VAL A 315 -5.45 12.60 -0.27
N ARG A 316 -5.64 13.71 -1.00
CA ARG A 316 -5.16 15.00 -0.48
C ARG A 316 -5.80 15.32 0.86
N LYS A 317 -7.10 15.04 1.00
CA LYS A 317 -7.79 15.31 2.27
C LYS A 317 -7.33 14.38 3.40
N MET A 318 -7.05 13.11 3.08
CA MET A 318 -6.55 12.17 4.09
C MET A 318 -5.15 12.57 4.57
N GLU A 319 -4.26 12.86 3.62
CA GLU A 319 -2.92 13.32 3.97
C GLU A 319 -2.98 14.59 4.80
N GLN A 320 -3.87 15.49 4.45
CA GLN A 320 -4.01 16.73 5.20
C GLN A 320 -4.47 16.43 6.62
N ALA A 321 -5.43 15.53 6.78
CA ALA A 321 -5.89 15.20 8.13
C ALA A 321 -4.81 14.48 8.92
N MET A 322 -4.00 13.64 8.28
CA MET A 322 -3.06 12.82 9.05
C MET A 322 -1.72 13.50 9.29
N GLY A 323 -1.41 14.58 8.57
CA GLY A 323 -0.15 15.28 8.72
C GLY A 323 0.87 15.05 7.64
N LEU A 324 0.55 14.30 6.59
CA LEU A 324 1.53 13.99 5.56
C LEU A 324 1.83 15.20 4.69
N GLY A 325 3.05 15.23 4.16
CA GLY A 325 3.36 16.17 3.09
C GLY A 325 3.43 17.63 3.55
N ARG A 326 3.14 18.53 2.62
CA ARG A 326 3.02 19.97 2.86
C ARG A 326 1.61 20.39 2.45
N ARG A 327 1.34 21.69 2.48
CA ARG A 327 0.19 22.22 1.74
C ARG A 327 0.61 23.07 0.56
N ARG A 328 1.90 23.38 0.43
CA ARG A 328 2.44 24.13 -0.70
C ARG A 328 2.50 23.26 -1.96
N MET B 1 28.81 5.62 -11.25
CA MET B 1 28.28 6.54 -10.24
C MET B 1 27.31 5.79 -9.32
N LYS B 2 27.83 5.31 -8.19
CA LYS B 2 27.00 4.57 -7.24
C LYS B 2 25.92 5.47 -6.65
N THR B 3 24.81 4.85 -6.26
CA THR B 3 23.64 5.56 -5.74
C THR B 3 23.52 5.30 -4.24
N ILE B 4 23.29 6.38 -3.48
CA ILE B 4 23.11 6.32 -2.04
C ILE B 4 21.67 6.74 -1.74
N PHE B 5 20.99 5.98 -0.88
CA PHE B 5 19.65 6.37 -0.45
C PHE B 5 19.59 6.41 1.07
N SER B 6 19.10 7.52 1.61
CA SER B 6 18.99 7.69 3.06
C SER B 6 17.57 8.14 3.40
N GLY B 7 16.91 7.38 4.27
CA GLY B 7 15.62 7.80 4.80
C GLY B 7 15.78 8.69 6.02
N ILE B 8 14.90 9.69 6.12
CA ILE B 8 14.93 10.68 7.19
C ILE B 8 13.57 10.67 7.87
N GLN B 9 13.55 10.30 9.14
CA GLN B 9 12.31 9.96 9.83
C GLN B 9 11.72 11.22 10.48
N PRO B 10 10.64 11.79 9.95
CA PRO B 10 10.11 13.03 10.55
C PRO B 10 9.39 12.82 11.87
N SER B 11 9.19 11.59 12.34
CA SER B 11 8.69 11.41 13.70
C SER B 11 9.76 11.62 14.76
N GLY B 12 11.03 11.65 14.38
CA GLY B 12 12.09 11.84 15.35
C GLY B 12 12.83 13.15 15.18
N VAL B 13 14.09 13.17 15.60
CA VAL B 13 14.93 14.36 15.52
C VAL B 13 16.18 14.01 14.74
N ILE B 14 17.06 14.99 14.52
CA ILE B 14 18.40 14.75 14.00
C ILE B 14 19.38 15.09 15.10
N THR B 15 20.06 14.08 15.61
CA THR B 15 20.96 14.22 16.75
C THR B 15 22.38 14.55 16.28
N ILE B 16 23.18 15.05 17.22
CA ILE B 16 24.60 15.23 16.96
C ILE B 16 25.26 13.91 16.62
N GLY B 17 24.72 12.80 17.13
CA GLY B 17 25.29 11.50 16.84
C GLY B 17 25.10 11.11 15.39
N ASN B 18 23.93 11.42 14.83
CA ASN B 18 23.73 11.20 13.41
C ASN B 18 24.61 12.13 12.57
N TYR B 19 24.73 13.40 12.99
CA TYR B 19 25.64 14.33 12.31
C TYR B 19 27.07 13.79 12.31
N ILE B 20 27.55 13.38 13.49
CA ILE B 20 28.89 12.81 13.58
C ILE B 20 28.99 11.52 12.79
N GLY B 21 28.00 10.64 12.93
CA GLY B 21 28.12 9.30 12.44
C GLY B 21 28.05 9.19 10.93
N ALA B 22 27.31 10.08 10.28
CA ALA B 22 27.06 9.90 8.87
C ALA B 22 26.77 11.22 8.16
N LEU B 23 25.95 12.06 8.77
CA LEU B 23 25.41 13.20 8.06
C LEU B 23 26.49 14.20 7.64
N ARG B 24 27.48 14.42 8.50
CA ARG B 24 28.55 15.35 8.15
C ARG B 24 29.27 14.93 6.87
N GLN B 25 29.55 13.63 6.73
CA GLN B 25 30.25 13.11 5.54
C GLN B 25 29.45 13.32 4.25
N PHE B 26 28.11 13.28 4.32
CA PHE B 26 27.31 13.40 3.09
C PHE B 26 27.64 14.67 2.33
N VAL B 27 27.93 15.75 3.06
CA VAL B 27 28.29 17.02 2.44
C VAL B 27 29.43 16.84 1.47
N GLU B 28 30.31 15.87 1.73
CA GLU B 28 31.39 15.47 0.83
C GLU B 28 30.92 14.46 -0.22
N LEU B 29 30.30 13.37 0.22
CA LEU B 29 29.97 12.27 -0.68
C LEU B 29 28.92 12.64 -1.71
N GLN B 30 28.16 13.73 -1.50
CA GLN B 30 27.14 14.08 -2.47
C GLN B 30 27.75 14.43 -3.82
N HIS B 31 29.05 14.74 -3.88
CA HIS B 31 29.71 14.96 -5.15
C HIS B 31 30.30 13.69 -5.74
N GLU B 32 30.62 12.72 -4.89
CA GLU B 32 31.06 11.41 -5.36
C GLU B 32 29.89 10.55 -5.80
N TYR B 33 28.79 10.57 -5.06
CA TYR B 33 27.68 9.64 -5.28
C TYR B 33 26.43 10.37 -5.74
N ASN B 34 25.55 9.59 -6.37
CA ASN B 34 24.19 10.04 -6.63
C ASN B 34 23.40 9.80 -5.34
N CYS B 35 23.05 10.88 -4.64
CA CYS B 35 22.48 10.78 -3.30
C CYS B 35 21.00 11.15 -3.32
N TYR B 36 20.18 10.28 -2.73
CA TYR B 36 18.76 10.55 -2.49
C TYR B 36 18.55 10.70 -0.99
N PHE B 37 17.91 11.77 -0.58
CA PHE B 37 17.58 12.00 0.83
C PHE B 37 16.06 12.09 0.93
N CYS B 38 15.45 11.11 1.60
CA CYS B 38 13.99 10.98 1.59
C CYS B 38 13.41 11.18 2.98
N ILE B 39 12.54 12.17 3.10
CA ILE B 39 11.78 12.41 4.33
C ILE B 39 10.59 11.46 4.32
N VAL B 40 10.64 10.41 5.16
CA VAL B 40 9.70 9.31 5.08
C VAL B 40 8.48 9.57 5.97
N ASP B 41 7.60 10.49 5.54
CA ASP B 41 6.43 10.81 6.35
C ASP B 41 5.43 9.64 6.39
N GLN B 42 5.36 8.82 5.34
CA GLN B 42 4.45 7.68 5.39
C GLN B 42 4.91 6.61 6.38
N HIS B 43 6.22 6.52 6.64
CA HIS B 43 6.71 5.65 7.71
C HIS B 43 6.36 6.20 9.09
N ALA B 44 6.26 7.52 9.23
CA ALA B 44 6.01 8.10 10.55
C ALA B 44 4.64 7.73 11.09
N ILE B 45 3.64 7.54 10.23
CA ILE B 45 2.26 7.41 10.71
C ILE B 45 1.90 5.98 11.05
N THR B 46 2.87 5.06 11.08
CA THR B 46 2.55 3.73 11.61
C THR B 46 2.14 3.78 13.07
N VAL B 47 2.51 4.84 13.79
CA VAL B 47 1.95 5.14 15.09
C VAL B 47 1.36 6.54 15.00
N TRP B 48 0.49 6.87 15.95
CA TRP B 48 -0.18 8.17 15.89
C TRP B 48 0.84 9.30 15.87
N GLN B 49 0.66 10.23 14.95
CA GLN B 49 1.43 11.46 14.91
C GLN B 49 0.47 12.64 15.02
N ASP B 50 0.83 13.61 15.84
CA ASP B 50 0.07 14.85 15.84
C ASP B 50 0.22 15.49 14.47
N PRO B 51 -0.88 15.77 13.75
CA PRO B 51 -0.75 16.18 12.34
C PRO B 51 0.01 17.48 12.16
N HIS B 52 -0.30 18.50 12.95
CA HIS B 52 0.38 19.78 12.80
C HIS B 52 1.87 19.65 13.09
N GLU B 53 2.23 18.87 14.12
CA GLU B 53 3.63 18.73 14.47
C GLU B 53 4.39 17.93 13.40
N LEU B 54 3.75 16.91 12.83
CA LEU B 54 4.39 16.14 11.77
C LEU B 54 4.64 17.01 10.54
N ARG B 55 3.61 17.72 10.08
CA ARG B 55 3.77 18.65 8.97
C ARG B 55 4.90 19.63 9.21
N GLN B 56 4.96 20.17 10.41
CA GLN B 56 6.02 21.13 10.72
C GLN B 56 7.40 20.46 10.77
N ASN B 57 7.50 19.26 11.34
CA ASN B 57 8.82 18.64 11.43
C ASN B 57 9.34 18.20 10.08
N ILE B 58 8.46 17.89 9.14
CA ILE B 58 8.86 17.63 7.77
C ILE B 58 9.65 18.82 7.21
N ARG B 59 9.08 20.02 7.34
CA ARG B 59 9.78 21.23 6.88
C ARG B 59 11.11 21.41 7.60
N ARG B 60 11.11 21.20 8.93
CA ARG B 60 12.31 21.41 9.73
C ARG B 60 13.46 20.54 9.26
N LEU B 61 13.16 19.28 8.94
CA LEU B 61 14.23 18.37 8.56
C LEU B 61 14.79 18.73 7.19
N ALA B 62 13.90 19.17 6.29
CA ALA B 62 14.34 19.61 4.96
C ALA B 62 15.25 20.83 5.07
N ALA B 63 14.80 21.84 5.83
CA ALA B 63 15.65 23.00 6.08
C ALA B 63 16.97 22.60 6.74
N LEU B 64 16.93 21.59 7.62
CA LEU B 64 18.14 21.22 8.36
C LEU B 64 19.17 20.55 7.47
N TYR B 65 18.73 19.69 6.55
CA TYR B 65 19.67 19.04 5.64
C TYR B 65 20.31 20.08 4.71
N LEU B 66 19.54 21.06 4.27
CA LEU B 66 20.11 22.15 3.49
C LEU B 66 21.11 22.96 4.33
N ALA B 67 20.73 23.29 5.56
CA ALA B 67 21.61 24.06 6.44
C ALA B 67 22.93 23.34 6.69
N VAL B 68 22.90 22.01 6.84
CA VAL B 68 24.12 21.26 7.08
C VAL B 68 25.04 21.29 5.85
N GLY B 69 24.48 21.49 4.67
CA GLY B 69 25.31 21.55 3.48
C GLY B 69 24.88 20.67 2.33
N ILE B 70 23.78 19.93 2.46
CA ILE B 70 23.33 19.13 1.33
C ILE B 70 22.98 20.07 0.18
N ASP B 71 23.50 19.74 -1.00
CA ASP B 71 23.43 20.64 -2.15
C ASP B 71 22.37 20.15 -3.12
N PRO B 72 21.23 20.85 -3.25
CA PRO B 72 20.13 20.33 -4.07
C PRO B 72 20.43 20.27 -5.58
N THR B 73 21.45 20.97 -6.06
CA THR B 73 21.88 20.75 -7.43
C THR B 73 22.78 19.53 -7.59
N GLN B 74 23.14 18.87 -6.48
CA GLN B 74 23.93 17.65 -6.52
C GLN B 74 23.17 16.43 -6.04
N ALA B 75 22.34 16.57 -5.01
CA ALA B 75 21.59 15.47 -4.42
C ALA B 75 20.09 15.72 -4.56
N THR B 76 19.31 14.67 -4.31
CA THR B 76 17.86 14.75 -4.39
C THR B 76 17.26 14.68 -2.98
N LEU B 77 16.59 15.75 -2.58
CA LEU B 77 15.93 15.84 -1.29
C LEU B 77 14.44 15.96 -1.55
N PHE B 78 13.66 15.05 -0.98
CA PHE B 78 12.24 15.01 -1.31
C PHE B 78 11.46 14.33 -0.20
N ILE B 79 10.14 14.47 -0.26
CA ILE B 79 9.21 13.93 0.74
C ILE B 79 8.56 12.69 0.17
N GLN B 80 8.73 11.56 0.88
CA GLN B 80 8.26 10.25 0.41
C GLN B 80 6.82 10.29 -0.11
N SER B 81 5.91 10.92 0.65
CA SER B 81 4.50 10.93 0.26
C SER B 81 4.23 11.72 -1.02
N GLU B 82 5.17 12.55 -1.47
CA GLU B 82 4.94 13.30 -2.70
C GLU B 82 5.33 12.51 -3.94
N VAL B 83 5.83 11.29 -3.76
CA VAL B 83 6.12 10.36 -4.83
C VAL B 83 5.23 9.13 -4.63
N PRO B 84 4.13 9.04 -5.37
CA PRO B 84 3.19 7.92 -5.17
C PRO B 84 3.81 6.55 -5.43
N ALA B 85 4.92 6.51 -6.18
CA ALA B 85 5.55 5.23 -6.51
C ALA B 85 5.97 4.46 -5.26
N HIS B 86 6.27 5.14 -4.16
CA HIS B 86 6.67 4.40 -2.95
C HIS B 86 5.54 3.54 -2.44
N ALA B 87 4.31 4.09 -2.42
CA ALA B 87 3.16 3.31 -1.98
C ALA B 87 2.82 2.21 -2.98
N GLN B 88 2.90 2.52 -4.27
CA GLN B 88 2.64 1.50 -5.30
C GLN B 88 3.63 0.35 -5.22
N ALA B 89 4.92 0.66 -5.15
CA ALA B 89 5.88 -0.43 -5.10
C ALA B 89 5.82 -1.18 -3.77
N ALA B 90 5.52 -0.49 -2.67
CA ALA B 90 5.35 -1.18 -1.39
C ALA B 90 4.26 -2.25 -1.49
N TRP B 91 3.15 -1.94 -2.17
CA TRP B 91 2.10 -2.95 -2.32
C TRP B 91 2.62 -4.16 -3.08
N MET B 92 3.33 -3.92 -4.19
CA MET B 92 3.83 -5.04 -4.98
C MET B 92 4.78 -5.91 -4.18
N LEU B 93 5.65 -5.28 -3.38
CA LEU B 93 6.57 -6.02 -2.52
C LEU B 93 5.84 -6.71 -1.35
N GLN B 94 4.78 -6.10 -0.81
CA GLN B 94 3.97 -6.81 0.17
C GLN B 94 3.43 -8.11 -0.41
N CYS B 95 3.23 -8.17 -1.73
CA CYS B 95 2.75 -9.41 -2.31
C CYS B 95 3.87 -10.42 -2.51
N ILE B 96 5.12 -10.03 -2.29
CA ILE B 96 6.29 -10.88 -2.47
C ILE B 96 6.84 -11.38 -1.13
N VAL B 97 6.67 -10.59 -0.09
CA VAL B 97 7.22 -10.91 1.23
C VAL B 97 6.30 -11.92 1.91
N TYR B 98 6.87 -12.76 2.78
CA TYR B 98 6.06 -13.68 3.57
C TYR B 98 5.74 -13.05 4.93
N ILE B 99 4.53 -13.34 5.42
CA ILE B 99 4.14 -12.84 6.75
C ILE B 99 5.15 -13.26 7.80
N GLY B 100 5.63 -14.50 7.72
CA GLY B 100 6.59 -14.97 8.69
C GLY B 100 7.84 -14.13 8.72
N GLU B 101 8.24 -13.58 7.58
CA GLU B 101 9.42 -12.73 7.55
C GLU B 101 9.17 -11.43 8.31
N LEU B 102 7.96 -10.86 8.19
CA LEU B 102 7.71 -9.59 8.88
C LEU B 102 7.57 -9.79 10.37
N GLU B 103 7.04 -10.92 10.79
CA GLU B 103 6.75 -11.14 12.21
C GLU B 103 8.01 -11.34 13.03
N ARG B 104 9.07 -11.90 12.45
CA ARG B 104 10.27 -12.12 13.23
C ARG B 104 11.24 -10.95 13.14
N MET B 105 10.84 -9.85 12.51
CA MET B 105 11.62 -8.64 12.56
C MET B 105 11.77 -8.17 14.00
N THR B 106 13.01 -7.91 14.40
CA THR B 106 13.26 -7.47 15.77
C THR B 106 12.65 -6.10 16.03
N GLN B 107 12.73 -5.19 15.05
CA GLN B 107 12.18 -3.86 15.23
C GLN B 107 10.67 -3.91 15.48
N PHE B 108 9.96 -4.83 14.82
CA PHE B 108 8.53 -4.95 15.08
C PHE B 108 8.26 -5.39 16.51
N LYS B 109 9.06 -6.32 17.02
CA LYS B 109 8.83 -6.83 18.37
C LYS B 109 9.12 -5.76 19.42
N GLU B 110 10.19 -4.99 19.22
CA GLU B 110 10.52 -3.94 20.18
C GLU B 110 9.49 -2.82 20.13
N LYS B 111 9.16 -2.34 18.93
CA LYS B 111 8.28 -1.18 18.81
C LYS B 111 6.86 -1.49 19.28
N SER B 112 6.42 -2.74 19.14
CA SER B 112 5.08 -3.13 19.55
C SER B 112 5.01 -3.63 20.99
N ALA B 113 6.14 -3.65 21.69
CA ALA B 113 6.27 -4.33 22.99
C ALA B 113 5.13 -4.01 23.95
N GLY B 114 5.12 -2.80 24.50
CA GLY B 114 4.08 -2.55 25.48
C GLY B 114 2.75 -2.11 24.95
N LYS B 115 2.56 -2.12 23.62
CA LYS B 115 1.49 -1.38 22.98
C LYS B 115 0.22 -2.22 22.87
N GLU B 116 -0.84 -1.72 23.48
CA GLU B 116 -2.18 -2.03 23.00
C GLU B 116 -2.32 -1.49 21.58
N ALA B 117 -3.32 -1.99 20.85
CA ALA B 117 -3.68 -1.41 19.56
C ALA B 117 -2.47 -1.21 18.65
N VAL B 118 -2.01 -2.29 18.02
CA VAL B 118 -0.89 -2.22 17.08
C VAL B 118 -1.45 -2.15 15.67
N SER B 119 -1.05 -1.13 14.90
CA SER B 119 -1.51 -1.00 13.52
C SER B 119 -0.86 -2.05 12.63
N ALA B 120 -1.55 -2.40 11.55
CA ALA B 120 -0.93 -3.28 10.55
C ALA B 120 0.31 -2.65 9.94
N GLY B 121 0.33 -1.32 9.81
CA GLY B 121 1.49 -0.63 9.26
C GLY B 121 2.76 -0.82 10.08
N LEU B 122 2.61 -1.03 11.39
CA LEU B 122 3.76 -1.36 12.23
C LEU B 122 4.33 -2.74 11.88
N LEU B 123 3.51 -3.66 11.39
CA LEU B 123 4.05 -4.93 10.94
C LEU B 123 4.55 -4.85 9.50
N THR B 124 3.85 -4.11 8.64
CA THR B 124 4.08 -4.19 7.20
C THR B 124 4.89 -3.03 6.67
N TYR B 125 5.63 -2.32 7.52
CA TYR B 125 6.44 -1.25 6.98
C TYR B 125 7.79 -1.67 6.38
N PRO B 126 8.37 -2.84 6.67
CA PRO B 126 9.64 -3.20 6.00
C PRO B 126 9.51 -3.25 4.48
N PRO B 127 8.41 -3.77 3.91
CA PRO B 127 8.23 -3.65 2.45
C PRO B 127 8.20 -2.23 1.93
N LEU B 128 7.64 -1.27 2.66
CA LEU B 128 7.71 0.11 2.20
C LEU B 128 9.15 0.63 2.28
N MET B 129 9.88 0.23 3.33
CA MET B 129 11.31 0.55 3.40
C MET B 129 12.08 -0.07 2.25
N ALA B 130 11.81 -1.35 1.95
CA ALA B 130 12.46 -1.96 0.79
C ALA B 130 12.18 -1.18 -0.48
N ALA B 131 10.92 -0.74 -0.62
CA ALA B 131 10.52 0.03 -1.80
C ALA B 131 11.26 1.36 -1.88
N ASP B 132 11.41 2.06 -0.75
CA ASP B 132 12.14 3.32 -0.75
C ASP B 132 13.54 3.13 -1.37
N ILE B 133 14.18 2.03 -1.02
CA ILE B 133 15.55 1.76 -1.46
C ILE B 133 15.56 1.27 -2.90
N LEU B 134 14.82 0.19 -3.19
CA LEU B 134 14.94 -0.49 -4.47
C LEU B 134 14.50 0.40 -5.65
N LEU B 135 13.57 1.32 -5.42
CA LEU B 135 13.05 2.14 -6.52
C LEU B 135 14.14 2.91 -7.25
N TYR B 136 15.24 3.23 -6.57
CA TYR B 136 16.26 4.11 -7.14
C TYR B 136 17.51 3.36 -7.55
N ASN B 137 17.43 2.03 -7.65
CA ASN B 137 18.57 1.18 -7.97
C ASN B 137 19.74 1.50 -7.05
N THR B 138 19.42 1.55 -5.77
CA THR B 138 20.37 1.97 -4.75
C THR B 138 21.49 0.94 -4.59
N ASP B 139 22.72 1.44 -4.51
CA ASP B 139 23.85 0.58 -4.21
C ASP B 139 24.18 0.54 -2.72
N ILE B 140 24.00 1.66 -2.02
CA ILE B 140 24.51 1.83 -0.66
C ILE B 140 23.43 2.47 0.19
N VAL B 141 23.16 1.89 1.36
CA VAL B 141 22.24 2.47 2.32
C VAL B 141 22.99 2.73 3.63
N PRO B 142 23.13 3.98 4.06
CA PRO B 142 23.85 4.28 5.30
C PRO B 142 22.99 4.18 6.55
N VAL B 143 23.05 3.05 7.26
CA VAL B 143 22.14 2.80 8.37
C VAL B 143 22.93 2.35 9.59
N GLY B 144 22.30 2.50 10.76
CA GLY B 144 22.82 1.88 11.96
C GLY B 144 22.77 0.36 11.89
N GLU B 145 23.36 -0.27 12.90
CA GLU B 145 23.27 -1.73 13.01
C GLU B 145 21.86 -2.18 13.38
N ASP B 146 21.06 -1.29 13.98
CA ASP B 146 19.67 -1.60 14.30
C ASP B 146 18.85 -1.90 13.05
N GLN B 147 19.28 -1.37 11.90
CA GLN B 147 18.58 -1.53 10.63
C GLN B 147 19.07 -2.71 9.80
N LYS B 148 20.08 -3.44 10.28
CA LYS B 148 20.70 -4.46 9.45
C LYS B 148 19.69 -5.52 9.03
N GLN B 149 18.76 -5.87 9.92
CA GLN B 149 17.74 -6.85 9.56
C GLN B 149 16.82 -6.32 8.46
N HIS B 150 16.52 -5.01 8.46
CA HIS B 150 15.69 -4.46 7.38
C HIS B 150 16.42 -4.47 6.05
N ILE B 151 17.74 -4.29 6.06
CA ILE B 151 18.49 -4.34 4.81
C ILE B 151 18.55 -5.76 4.28
N GLU B 152 18.71 -6.74 5.17
CA GLU B 152 18.67 -8.14 4.77
C GLU B 152 17.37 -8.48 4.07
N LEU B 153 16.24 -8.09 4.64
CA LEU B 153 14.97 -8.37 3.99
C LEU B 153 14.89 -7.70 2.62
N THR B 154 15.33 -6.43 2.54
CA THR B 154 15.33 -5.72 1.27
C THR B 154 16.17 -6.46 0.23
N ARG B 155 17.35 -6.94 0.63
CA ARG B 155 18.19 -7.72 -0.27
C ARG B 155 17.50 -9.02 -0.68
N ASP B 156 16.82 -9.68 0.26
CA ASP B 156 16.06 -10.89 -0.07
C ASP B 156 14.92 -10.61 -1.02
N LEU B 157 14.18 -9.52 -0.81
CA LEU B 157 13.04 -9.24 -1.67
C LEU B 157 13.49 -8.84 -3.06
N ALA B 158 14.60 -8.10 -3.16
CA ALA B 158 15.12 -7.76 -4.48
C ALA B 158 15.57 -9.00 -5.24
N GLU B 159 16.22 -9.94 -4.55
CA GLU B 159 16.66 -11.17 -5.20
C GLU B 159 15.46 -12.02 -5.59
N ARG B 160 14.52 -12.20 -4.66
CA ARG B 160 13.31 -12.94 -4.96
C ARG B 160 12.61 -12.36 -6.18
N PHE B 161 12.47 -11.02 -6.23
CA PHE B 161 11.86 -10.40 -7.39
C PHE B 161 12.70 -10.61 -8.63
N ASN B 162 14.02 -10.39 -8.53
CA ASN B 162 14.89 -10.54 -9.70
C ASN B 162 14.84 -11.96 -10.28
N LYS B 163 14.83 -12.96 -9.39
CA LYS B 163 14.84 -14.34 -9.88
C LYS B 163 13.55 -14.70 -10.60
N ARG B 164 12.42 -14.28 -10.05
CA ARG B 164 11.13 -14.62 -10.65
C ARG B 164 10.94 -13.87 -11.97
N TYR B 165 11.19 -12.57 -11.99
CA TYR B 165 10.75 -11.71 -13.08
C TYR B 165 11.87 -11.24 -13.99
N GLY B 166 13.12 -11.37 -13.60
CA GLY B 166 14.20 -10.80 -14.38
C GLY B 166 14.94 -9.71 -13.62
N GLU B 167 16.20 -9.49 -13.97
CA GLU B 167 17.09 -8.59 -13.23
C GLU B 167 16.63 -7.14 -13.38
N LEU B 168 15.90 -6.65 -12.40
CA LEU B 168 15.44 -5.26 -12.36
C LEU B 168 16.05 -4.46 -11.21
N PHE B 169 16.20 -5.08 -10.04
CA PHE B 169 16.70 -4.39 -8.86
C PHE B 169 18.19 -4.59 -8.67
N THR B 170 18.85 -3.51 -8.24
CA THR B 170 20.19 -3.60 -7.66
C THR B 170 20.11 -4.19 -6.25
N ILE B 171 21.04 -5.06 -5.92
CA ILE B 171 21.11 -5.60 -4.56
C ILE B 171 21.85 -4.57 -3.71
N PRO B 172 21.20 -3.96 -2.73
CA PRO B 172 21.84 -2.87 -1.99
C PRO B 172 22.67 -3.41 -0.83
N GLU B 173 23.55 -2.55 -0.31
CA GLU B 173 24.37 -2.94 0.83
C GLU B 173 24.35 -1.85 1.90
N ALA B 174 24.32 -2.26 3.13
CA ALA B 174 24.36 -1.36 4.25
C ALA B 174 25.75 -0.76 4.48
N ARG B 175 25.85 0.53 4.64
CA ARG B 175 27.14 1.13 4.90
C ARG B 175 27.61 0.92 6.32
N ILE B 176 26.86 1.37 7.31
CA ILE B 176 27.27 1.34 8.71
C ILE B 176 28.69 1.84 8.85
N GLY B 180 33.54 8.80 11.85
CA GLY B 180 32.18 8.33 12.04
C GLY B 180 32.03 7.38 13.21
N ALA B 181 32.29 7.89 14.41
CA ALA B 181 32.22 7.08 15.61
C ALA B 181 30.79 6.89 16.07
N ARG B 182 30.59 5.93 16.92
CA ARG B 182 29.28 5.57 17.42
C ARG B 182 28.94 6.29 18.74
N ILE B 183 28.12 7.31 18.65
CA ILE B 183 27.78 8.14 19.80
C ILE B 183 26.69 7.47 20.61
N MET B 184 26.83 7.49 21.93
CA MET B 184 25.88 6.86 22.83
C MET B 184 24.96 7.89 23.45
N SER B 185 23.85 7.39 24.00
CA SER B 185 22.88 8.24 24.70
C SER B 185 23.52 8.93 25.91
N LEU B 186 23.15 10.20 26.11
CA LEU B 186 23.66 10.97 27.25
C LEU B 186 23.08 10.50 28.58
N VAL B 187 21.98 9.75 28.56
CA VAL B 187 21.28 9.34 29.77
C VAL B 187 21.65 7.90 30.11
N ASP B 188 21.87 7.08 29.09
CA ASP B 188 22.23 5.67 29.25
C ASP B 188 23.30 5.37 28.23
N PRO B 189 24.57 5.59 28.56
CA PRO B 189 25.62 5.51 27.54
C PRO B 189 25.97 4.09 27.11
N THR B 190 25.24 3.09 27.60
CA THR B 190 25.29 1.76 26.99
C THR B 190 24.31 1.60 25.83
N LYS B 191 23.54 2.63 25.50
CA LYS B 191 22.67 2.61 24.32
C LYS B 191 23.14 3.67 23.32
N LYS B 192 22.93 3.38 22.04
CA LYS B 192 23.23 4.35 21.00
C LYS B 192 22.36 5.59 21.18
N MET B 193 22.94 6.76 20.91
CA MET B 193 22.11 7.95 20.83
C MET B 193 21.15 7.80 19.65
N SER B 194 19.86 8.08 19.86
CA SER B 194 18.82 7.63 18.96
C SER B 194 17.85 8.75 18.62
N LYS B 195 17.49 8.83 17.33
CA LYS B 195 16.57 9.84 16.84
C LYS B 195 15.19 9.71 17.45
N SER B 196 14.84 8.53 17.95
CA SER B 196 13.52 8.33 18.54
C SER B 196 13.56 8.09 20.05
N ASP B 197 14.68 8.37 20.71
CA ASP B 197 14.74 8.18 22.15
C ASP B 197 13.64 9.00 22.82
N PRO B 198 12.81 8.40 23.66
CA PRO B 198 11.71 9.18 24.27
C PRO B 198 12.18 10.15 25.32
N ASN B 199 13.42 10.01 25.80
CA ASN B 199 13.98 10.96 26.76
C ASN B 199 14.74 12.04 26.00
N PRO B 200 14.23 13.26 25.94
CA PRO B 200 14.93 14.30 25.15
C PRO B 200 16.30 14.64 25.71
N LYS B 201 16.59 14.30 26.97
CA LYS B 201 17.94 14.54 27.48
C LYS B 201 18.94 13.54 26.94
N ALA B 202 18.49 12.45 26.33
CA ALA B 202 19.41 11.44 25.82
C ALA B 202 20.22 11.92 24.63
N TYR B 203 19.80 13.00 23.98
CA TYR B 203 20.40 13.42 22.73
C TYR B 203 20.50 14.94 22.69
N ILE B 204 21.39 15.42 21.85
CA ILE B 204 21.42 16.82 21.46
C ILE B 204 20.96 16.87 20.00
N THR B 205 19.86 17.58 19.74
CA THR B 205 19.48 17.76 18.35
C THR B 205 20.21 18.96 17.76
N LEU B 206 20.20 19.02 16.44
CA LEU B 206 20.84 20.10 15.72
C LEU B 206 20.15 21.44 15.95
N LEU B 207 18.95 21.45 16.55
CA LEU B 207 18.20 22.67 16.79
C LEU B 207 18.20 23.11 18.24
N ASP B 208 18.85 22.38 19.13
CA ASP B 208 18.92 22.79 20.53
C ASP B 208 19.65 24.13 20.65
N ASP B 209 19.11 25.04 21.46
CA ASP B 209 19.80 26.30 21.66
C ASP B 209 20.86 26.14 22.74
N ALA B 210 21.65 27.22 22.93
CA ALA B 210 22.80 27.17 23.81
C ALA B 210 22.44 26.73 25.22
N LYS B 211 21.37 27.28 25.78
CA LYS B 211 21.01 26.95 27.15
C LYS B 211 20.60 25.49 27.28
N THR B 212 19.90 24.96 26.27
CA THR B 212 19.53 23.56 26.28
C THR B 212 20.75 22.66 26.17
N ILE B 213 21.67 23.00 25.27
CA ILE B 213 22.88 22.20 25.09
C ILE B 213 23.67 22.15 26.38
N GLU B 214 23.84 23.29 27.04
CA GLU B 214 24.55 23.33 28.31
C GLU B 214 23.87 22.43 29.34
N LYS B 215 22.54 22.52 29.45
CA LYS B 215 21.81 21.69 30.40
C LYS B 215 22.00 20.20 30.11
N LYS B 216 21.88 19.79 28.84
CA LYS B 216 21.94 18.37 28.54
C LYS B 216 23.34 17.81 28.75
N ILE B 217 24.37 18.61 28.47
CA ILE B 217 25.73 18.14 28.70
C ILE B 217 26.02 18.08 30.18
N LYS B 218 25.61 19.11 30.92
CA LYS B 218 25.79 19.15 32.38
C LYS B 218 25.24 17.90 33.04
N SER B 219 24.02 17.51 32.67
CA SER B 219 23.40 16.37 33.31
C SER B 219 23.68 15.06 32.59
N ALA B 220 24.54 15.07 31.59
CA ALA B 220 24.95 13.80 31.01
C ALA B 220 25.50 12.92 32.11
N VAL B 221 25.05 11.67 32.15
CA VAL B 221 25.35 10.80 33.27
C VAL B 221 26.82 10.39 33.22
N THR B 222 27.49 10.45 34.37
CA THR B 222 28.91 10.10 34.47
C THR B 222 29.16 9.39 35.79
N ASP B 223 30.26 8.64 35.83
CA ASP B 223 30.68 7.93 37.03
C ASP B 223 31.05 8.92 38.13
N SER B 224 31.28 8.40 39.33
CA SER B 224 31.66 9.24 40.47
C SER B 224 33.13 9.12 40.84
N GLU B 225 33.94 8.45 40.02
CA GLU B 225 35.36 8.36 40.33
C GLU B 225 36.10 9.64 39.95
N GLY B 226 35.79 10.24 38.80
CA GLY B 226 36.14 11.63 38.58
C GLY B 226 37.37 11.91 37.73
N THR B 227 38.00 10.90 37.15
CA THR B 227 39.15 11.12 36.27
C THR B 227 38.69 11.07 34.81
N ILE B 228 39.11 12.07 34.02
CA ILE B 228 38.73 12.15 32.62
C ILE B 228 39.64 11.21 31.83
N ARG B 229 39.14 10.01 31.59
CA ARG B 229 39.92 8.96 30.96
C ARG B 229 38.99 8.00 30.23
N TYR B 230 39.38 7.58 29.04
CA TYR B 230 38.52 6.69 28.25
C TYR B 230 38.56 5.28 28.83
N ASP B 231 37.40 4.77 29.23
CA ASP B 231 37.29 3.38 29.69
C ASP B 231 35.84 2.97 29.45
N LYS B 232 35.59 2.32 28.31
CA LYS B 232 34.23 2.02 27.90
C LYS B 232 33.50 1.16 28.92
N GLU B 233 34.21 0.20 29.53
CA GLU B 233 33.58 -0.73 30.45
C GLU B 233 33.28 -0.08 31.80
N ALA B 234 34.28 0.54 32.42
CA ALA B 234 34.04 1.11 33.75
C ALA B 234 33.35 2.45 33.65
N LYS B 235 33.69 3.25 32.65
CA LYS B 235 33.28 4.66 32.60
C LYS B 235 32.64 4.99 31.26
N PRO B 236 31.52 4.35 30.91
CA PRO B 236 30.95 4.61 29.58
C PRO B 236 30.52 6.05 29.38
N GLY B 237 30.07 6.75 30.42
CA GLY B 237 29.58 8.11 30.29
C GLY B 237 30.64 9.11 29.88
N ILE B 238 31.71 9.22 30.65
CA ILE B 238 32.79 10.14 30.26
C ILE B 238 33.47 9.66 28.99
N SER B 239 33.56 8.34 28.77
CA SER B 239 34.16 7.84 27.53
C SER B 239 33.40 8.34 26.32
N ASN B 240 32.06 8.25 26.38
CA ASN B 240 31.24 8.77 25.28
C ASN B 240 31.39 10.28 25.11
N LEU B 241 31.44 11.04 26.22
CA LEU B 241 31.66 12.47 26.12
C LEU B 241 33.03 12.79 25.49
N LEU B 242 34.05 12.00 25.82
CA LEU B 242 35.36 12.17 25.18
C LEU B 242 35.30 11.93 23.69
N ASN B 243 34.53 10.92 23.28
CA ASN B 243 34.41 10.61 21.86
C ASN B 243 33.65 11.69 21.10
N ILE B 244 32.56 12.20 21.66
CA ILE B 244 31.88 13.37 21.08
C ILE B 244 32.86 14.54 20.93
N TYR B 245 33.56 14.86 22.02
CA TYR B 245 34.50 15.97 22.03
C TYR B 245 35.57 15.78 20.96
N SER B 246 36.13 14.57 20.88
CA SER B 246 37.18 14.30 19.92
C SER B 246 36.70 14.53 18.49
N THR B 247 35.60 13.89 18.11
CA THR B 247 35.17 13.93 16.72
C THR B 247 34.74 15.33 16.30
N LEU B 248 34.23 16.13 17.23
CA LEU B 248 33.83 17.50 16.91
C LEU B 248 35.00 18.48 16.93
N SER B 249 36.01 18.26 17.78
CA SER B 249 37.09 19.21 17.88
C SER B 249 38.28 18.89 16.98
N GLY B 250 38.38 17.65 16.49
CA GLY B 250 39.55 17.23 15.75
C GLY B 250 40.71 16.75 16.59
N GLN B 251 40.60 16.80 17.92
CA GLN B 251 41.64 16.30 18.79
C GLN B 251 41.43 14.83 19.10
N SER B 252 42.52 14.08 19.17
CA SER B 252 42.41 12.69 19.56
C SER B 252 41.99 12.57 21.03
N ILE B 253 41.45 11.41 21.37
CA ILE B 253 41.05 11.15 22.75
C ILE B 253 42.25 11.25 23.68
N GLU B 254 43.40 10.73 23.24
CA GLU B 254 44.62 10.79 24.03
C GLU B 254 45.04 12.22 24.30
N GLU B 255 44.97 13.08 23.28
CA GLU B 255 45.29 14.49 23.49
C GLU B 255 44.31 15.14 24.46
N LEU B 256 43.03 14.73 24.42
CA LEU B 256 42.08 15.27 25.37
C LEU B 256 42.33 14.72 26.77
N GLU B 257 42.74 13.46 26.88
CA GLU B 257 43.09 12.91 28.19
C GLU B 257 44.25 13.66 28.80
N ARG B 258 45.32 13.89 28.01
CA ARG B 258 46.45 14.66 28.52
C ARG B 258 46.02 16.09 28.86
N GLN B 259 45.14 16.66 28.05
CA GLN B 259 44.73 18.04 28.27
C GLN B 259 43.97 18.22 29.58
N TYR B 260 43.21 17.22 30.02
CA TYR B 260 42.39 17.35 31.21
C TYR B 260 42.95 16.58 32.41
N GLU B 261 44.18 16.06 32.31
CA GLU B 261 44.83 15.41 33.43
C GLU B 261 44.71 16.25 34.69
N GLY B 262 44.27 15.63 35.78
CA GLY B 262 44.11 16.35 37.02
C GLY B 262 42.94 17.32 37.07
N LYS B 263 42.05 17.31 36.09
CA LYS B 263 40.90 18.21 36.09
C LYS B 263 39.61 17.43 36.28
N GLY B 264 38.54 18.15 36.63
CA GLY B 264 37.26 17.56 36.94
C GLY B 264 36.25 17.61 35.78
N TYR B 265 35.13 16.91 35.98
CA TYR B 265 34.09 16.82 34.95
C TYR B 265 33.41 18.15 34.69
N GLY B 266 33.27 19.01 35.71
CA GLY B 266 32.57 20.27 35.51
C GLY B 266 33.19 21.11 34.41
N VAL B 267 34.50 21.33 34.48
CA VAL B 267 35.18 22.15 33.49
C VAL B 267 35.21 21.45 32.14
N PHE B 268 35.35 20.12 32.14
CA PHE B 268 35.32 19.36 30.88
C PHE B 268 33.95 19.45 30.21
N LYS B 269 32.88 19.38 31.00
CA LYS B 269 31.54 19.48 30.42
C LYS B 269 31.29 20.87 29.86
N ALA B 270 31.74 21.92 30.55
CA ALA B 270 31.55 23.28 30.02
C ALA B 270 32.31 23.50 28.72
N ASP B 271 33.54 22.97 28.61
CA ASP B 271 34.25 23.06 27.34
C ASP B 271 33.53 22.30 26.23
N LEU B 272 33.06 21.08 26.53
CA LEU B 272 32.37 20.29 25.53
C LEU B 272 31.09 20.99 25.06
N ALA B 273 30.34 21.59 25.99
CA ALA B 273 29.12 22.28 25.62
C ALA B 273 29.41 23.40 24.64
N GLN B 274 30.45 24.19 24.92
CA GLN B 274 30.87 25.22 23.99
C GLN B 274 31.26 24.64 22.63
N VAL B 275 31.99 23.52 22.61
CA VAL B 275 32.36 22.88 21.34
C VAL B 275 31.11 22.52 20.54
N VAL B 276 30.08 21.99 21.21
CA VAL B 276 28.85 21.64 20.50
C VAL B 276 28.15 22.89 19.98
N ILE B 277 28.01 23.91 20.85
CA ILE B 277 27.40 25.18 20.46
C ILE B 277 28.08 25.75 19.22
N GLU B 278 29.40 25.77 19.21
CA GLU B 278 30.12 26.35 18.09
C GLU B 278 29.97 25.52 16.83
N THR B 279 29.79 24.20 16.96
CA THR B 279 29.47 23.36 15.80
C THR B 279 28.09 23.68 15.24
N LEU B 280 27.09 23.85 16.11
CA LEU B 280 25.72 23.97 15.68
C LEU B 280 25.33 25.38 15.26
N ARG B 281 26.02 26.42 15.78
CA ARG B 281 25.57 27.79 15.55
C ARG B 281 25.49 28.17 14.08
N PRO B 282 26.52 27.95 13.26
CA PRO B 282 26.36 28.24 11.82
C PRO B 282 25.28 27.39 11.16
N ILE B 283 25.13 26.12 11.57
CA ILE B 283 24.08 25.28 11.01
C ILE B 283 22.72 25.91 11.29
N GLN B 284 22.51 26.33 12.54
CA GLN B 284 21.23 26.92 12.91
C GLN B 284 21.00 28.27 12.21
N GLU B 285 22.07 29.00 11.87
CA GLU B 285 21.87 30.28 11.20
C GLU B 285 21.39 30.08 9.77
N ARG B 286 21.97 29.12 9.05
CA ARG B 286 21.47 28.80 7.73
C ARG B 286 20.10 28.14 7.79
N TYR B 287 19.83 27.39 8.87
CA TYR B 287 18.52 26.78 9.03
C TYR B 287 17.41 27.82 9.03
N HIS B 288 17.61 28.93 9.74
CA HIS B 288 16.57 29.94 9.82
C HIS B 288 16.35 30.66 8.49
N HIS B 289 17.42 30.87 7.72
CA HIS B 289 17.24 31.46 6.40
C HIS B 289 16.45 30.52 5.46
N TRP B 290 16.74 29.22 5.52
CA TRP B 290 15.97 28.27 4.71
C TRP B 290 14.52 28.20 5.17
N MET B 291 14.29 28.21 6.48
CA MET B 291 12.92 28.13 6.98
C MET B 291 12.11 29.37 6.59
N GLU B 292 12.75 30.52 6.47
CA GLU B 292 12.08 31.75 6.11
C GLU B 292 12.02 31.96 4.60
N SER B 293 12.49 31.00 3.81
CA SER B 293 12.66 31.20 2.38
C SER B 293 11.62 30.45 1.56
N GLU B 294 11.07 31.15 0.57
CA GLU B 294 10.30 30.54 -0.50
C GLU B 294 11.08 29.43 -1.19
N GLU B 295 12.40 29.58 -1.25
CA GLU B 295 13.27 28.63 -1.94
C GLU B 295 13.18 27.21 -1.37
N LEU B 296 12.86 27.05 -0.08
CA LEU B 296 12.78 25.71 0.51
C LEU B 296 11.73 24.88 -0.21
N ASP B 297 10.55 25.46 -0.45
CA ASP B 297 9.50 24.71 -1.15
C ASP B 297 9.88 24.45 -2.60
N ARG B 298 10.71 25.30 -3.21
CA ARG B 298 11.13 25.05 -4.58
C ARG B 298 12.11 23.88 -4.64
N VAL B 299 13.01 23.78 -3.66
CA VAL B 299 13.92 22.66 -3.62
C VAL B 299 13.13 21.36 -3.46
N LEU B 300 12.10 21.38 -2.61
CA LEU B 300 11.35 20.15 -2.38
C LEU B 300 10.51 19.78 -3.61
N ASP B 301 9.98 20.78 -4.32
CA ASP B 301 9.28 20.53 -5.58
C ASP B 301 10.20 19.85 -6.59
N GLU B 302 11.40 20.42 -6.81
CA GLU B 302 12.31 19.82 -7.77
C GLU B 302 12.74 18.42 -7.34
N GLY B 303 12.99 18.25 -6.04
CA GLY B 303 13.40 16.93 -5.57
C GLY B 303 12.33 15.89 -5.84
N ALA B 304 11.07 16.23 -5.60
CA ALA B 304 9.99 15.29 -5.90
C ALA B 304 9.92 15.02 -7.40
N GLU B 305 10.07 16.05 -8.23
CA GLU B 305 10.07 15.86 -9.67
C GLU B 305 11.14 14.85 -10.08
N LYS B 306 12.36 15.04 -9.59
CA LYS B 306 13.45 14.14 -9.98
C LYS B 306 13.23 12.74 -9.41
N ALA B 307 12.85 12.66 -8.12
CA ALA B 307 12.54 11.35 -7.53
C ALA B 307 11.42 10.68 -8.29
N ASN B 308 10.35 11.42 -8.58
CA ASN B 308 9.20 10.82 -9.24
C ASN B 308 9.56 10.24 -10.60
N ARG B 309 10.44 10.92 -11.35
CA ARG B 309 10.81 10.45 -12.67
C ARG B 309 11.45 9.07 -12.57
N VAL B 310 12.42 8.91 -11.66
CA VAL B 310 13.11 7.63 -11.54
C VAL B 310 12.19 6.55 -10.97
N ALA B 311 11.38 6.90 -9.96
CA ALA B 311 10.58 5.90 -9.28
C ALA B 311 9.38 5.46 -10.10
N SER B 312 8.68 6.39 -10.75
CA SER B 312 7.55 5.99 -11.58
C SER B 312 8.03 5.13 -12.73
N GLU B 313 9.25 5.35 -13.20
CA GLU B 313 9.77 4.48 -14.25
C GLU B 313 10.00 3.08 -13.73
N MET B 314 10.52 2.95 -12.51
CA MET B 314 10.75 1.63 -11.94
C MET B 314 9.42 0.91 -11.66
N VAL B 315 8.41 1.67 -11.23
CA VAL B 315 7.09 1.09 -11.01
C VAL B 315 6.51 0.58 -12.32
N ARG B 316 6.66 1.36 -13.40
CA ARG B 316 6.23 0.90 -14.72
C ARG B 316 6.88 -0.41 -15.08
N LYS B 317 8.18 -0.55 -14.80
CA LYS B 317 8.84 -1.82 -15.08
C LYS B 317 8.35 -2.93 -14.17
N MET B 318 8.13 -2.65 -12.88
CA MET B 318 7.60 -3.68 -12.00
C MET B 318 6.22 -4.13 -12.45
N GLU B 319 5.34 -3.19 -12.82
CA GLU B 319 3.99 -3.54 -13.25
C GLU B 319 4.03 -4.41 -14.50
N GLN B 320 4.88 -4.06 -15.45
CA GLN B 320 5.06 -4.86 -16.64
C GLN B 320 5.51 -6.28 -16.29
N ALA B 321 6.42 -6.41 -15.33
CA ALA B 321 6.91 -7.74 -14.97
C ALA B 321 5.83 -8.58 -14.33
N MET B 322 5.02 -7.99 -13.47
CA MET B 322 4.06 -8.79 -12.73
C MET B 322 2.74 -8.99 -13.48
N GLY B 323 2.46 -8.20 -14.49
CA GLY B 323 1.22 -8.30 -15.24
C GLY B 323 0.15 -7.27 -14.92
N LEU B 324 0.46 -6.26 -14.10
CA LEU B 324 -0.54 -5.26 -13.77
C LEU B 324 -0.80 -4.31 -14.94
N GLY B 325 -1.97 -3.68 -14.91
CA GLY B 325 -2.24 -2.58 -15.84
C GLY B 325 -2.26 -3.02 -17.30
N ARG B 326 -1.74 -2.12 -18.14
CA ARG B 326 -1.66 -2.30 -19.59
C ARG B 326 -0.28 -1.94 -20.13
N ARG B 327 0.68 -1.65 -19.24
CA ARG B 327 2.06 -1.36 -19.63
C ARG B 327 2.55 -2.40 -20.64
N ARG B 328 2.68 -1.99 -21.91
CA ARG B 328 3.09 -2.92 -22.95
C ARG B 328 4.27 -2.34 -23.73
C01 9E0 C . -15.84 -3.30 -3.82
C02 9E0 C . -16.30 -4.62 -3.89
C03 9E0 C . -14.45 -2.99 -3.83
C04 9E0 C . -13.54 -4.03 -3.91
C05 9E0 C . -15.29 -5.75 -3.97
C06 9E0 C . -14.07 -5.46 -3.99
C07 9E0 C . -12.85 -6.28 -4.01
C08 9E0 C . -11.81 -5.42 -4.60
C09 9E0 C . -14.25 -8.24 -3.56
C10 9E0 C . -13.08 -7.77 -4.44
C11 9E0 C . -14.34 -9.74 -3.72
C12 9E0 C . -13.40 -7.94 -5.90
N01 9E0 C . -12.01 -4.10 -3.96
O01 9E0 C . -13.36 -10.46 -3.36
O02 9E0 C . -15.36 -10.24 -4.24
S01 9E0 C . -15.84 -7.47 -4.07
P PO4 D . -18.29 -15.58 -9.01
O1 PO4 D . -17.64 -16.54 -8.05
O2 PO4 D . -18.29 -16.24 -10.38
O3 PO4 D . -17.54 -14.27 -9.06
O4 PO4 D . -19.71 -15.26 -8.59
C01 9E0 E . 16.59 4.00 3.74
C02 9E0 E . 17.13 4.10 5.04
C03 9E0 E . 15.19 3.95 3.48
C04 9E0 E . 14.35 4.00 4.58
C05 9E0 E . 16.17 4.14 6.22
C06 9E0 E . 14.95 4.12 5.98
C07 9E0 E . 13.77 4.08 6.89
C08 9E0 E . 12.62 4.52 6.07
C09 9E0 E . 15.24 3.85 8.83
C10 9E0 E . 14.05 4.66 8.32
C11 9E0 E . 15.36 4.07 10.35
C12 9E0 E . 14.38 6.14 8.33
N01 9E0 E . 12.82 3.97 4.71
O01 9E0 E . 16.45 4.41 10.87
O02 9E0 E . 14.35 3.89 11.09
S01 9E0 E . 16.78 4.29 7.91
P PO4 F . 19.38 7.14 14.54
O1 PO4 F . 20.81 6.68 14.63
O2 PO4 F . 18.86 6.88 13.15
O3 PO4 F . 19.34 8.62 14.83
O4 PO4 F . 18.52 6.39 15.53
#